data_7DH6
#
_entry.id   7DH6
#
_cell.length_a   68.005
_cell.length_b   82.124
_cell.length_c   99.388
_cell.angle_alpha   90.000
_cell.angle_beta   99.440
_cell.angle_gamma   90.000
#
_symmetry.space_group_name_H-M   'P 1 21 1'
#
loop_
_entity.id
_entity.type
_entity.pdbx_description
1 polymer 'Pleiotropic regulator 1'
2 non-polymer 'NICKEL (II) ION'
3 non-polymer 'SULFATE ION'
4 non-polymer 'CALCIUM ION'
5 water water
#
_entity_poly.entity_id   1
_entity_poly.type   'polypeptide(L)'
_entity_poly.pdbx_seq_one_letter_code
;RTAPSGSEYRHPGASDRPQPTAMNSIVMETGNTKNSALMAKKAPTMPKPQWHPPWKLYRVISGHLGWVRCIAVEPGNQWF
VTGSADRTIKIWDLASGKLKLSLTGHISTVRGVIVSTRSPYLFSCGEDKQVKCWDLEYNKVIRHYHGHLSAVYGLDLHPT
IDVLVTCSRDSTARIWDVRTKASVHTLSGHTNAVATVRCQAAEPQIITGSHDTTIRLWDLVAGKTRVTLTNHKKSVRAVV
LHPRHYTFASGSPDNIKQWKFPDGSFIQNLSGHNAIINTLTVNSDGVLVSGADNGTMHLWDWRTGYNFQRVHAAVQPGSL
DSESGIFACAFDQSESRLLTAEADKTIKVYREDDTATEETHPVSWKPEIIKRKRF
;
_entity_poly.pdbx_strand_id   A,B,C,D
#
# COMPACT_ATOMS: atom_id res chain seq x y z
N GLN A 50 27.64 -24.05 26.18
CA GLN A 50 27.02 -23.48 24.99
C GLN A 50 27.56 -22.08 24.70
N TRP A 51 27.02 -21.44 23.65
CA TRP A 51 27.52 -20.14 23.22
C TRP A 51 26.48 -19.47 22.34
N HIS A 52 26.21 -18.20 22.61
CA HIS A 52 25.36 -17.35 21.80
C HIS A 52 26.16 -16.14 21.33
N PRO A 53 26.14 -15.82 20.04
CA PRO A 53 26.74 -14.56 19.61
C PRO A 53 26.02 -13.38 20.23
N PRO A 54 26.74 -12.32 20.55
CA PRO A 54 26.09 -11.13 21.11
C PRO A 54 25.31 -10.37 20.05
N TRP A 55 24.31 -9.63 20.51
CA TRP A 55 23.41 -8.92 19.64
C TRP A 55 23.83 -7.45 19.55
N LYS A 56 23.60 -6.84 18.39
CA LYS A 56 23.97 -5.45 18.14
C LYS A 56 22.76 -4.66 17.67
N LEU A 57 22.84 -3.34 17.85
CA LEU A 57 21.81 -2.42 17.38
C LEU A 57 21.94 -2.25 15.87
N TYR A 58 20.85 -2.48 15.15
CA TYR A 58 20.83 -2.46 13.69
CA TYR A 58 20.88 -2.39 13.69
C TYR A 58 19.93 -1.37 13.12
N ARG A 59 18.79 -1.10 13.77
CA ARG A 59 17.85 -0.11 13.28
C ARG A 59 17.15 0.54 14.46
N VAL A 60 16.75 1.79 14.27
CA VAL A 60 15.93 2.53 15.22
C VAL A 60 14.76 3.10 14.45
N ILE A 61 13.55 2.68 14.83
CA ILE A 61 12.33 3.09 14.13
C ILE A 61 11.58 4.06 15.01
N SER A 62 11.31 5.25 14.48
CA SER A 62 10.60 6.31 15.18
C SER A 62 9.27 6.58 14.50
N GLY A 63 8.41 7.31 15.21
CA GLY A 63 7.11 7.67 14.68
C GLY A 63 6.01 7.80 15.71
N HIS A 64 6.10 7.06 16.81
CA HIS A 64 5.17 7.30 17.90
C HIS A 64 5.45 8.69 18.50
N LEU A 65 4.50 9.17 19.30
CA LEU A 65 4.68 10.44 19.98
C LEU A 65 4.70 10.27 21.49
N GLY A 66 4.79 9.03 21.97
CA GLY A 66 4.88 8.76 23.38
C GLY A 66 5.53 7.41 23.62
N TRP A 67 5.49 6.99 24.88
CA TRP A 67 6.08 5.73 25.29
C TRP A 67 5.49 4.57 24.50
N VAL A 68 6.35 3.74 23.93
CA VAL A 68 5.92 2.53 23.24
C VAL A 68 5.80 1.42 24.28
N ARG A 69 4.56 1.00 24.58
CA ARG A 69 4.32 0.05 25.66
C ARG A 69 4.17 -1.39 25.20
N CYS A 70 3.85 -1.64 23.94
CA CYS A 70 3.60 -3.01 23.52
C CYS A 70 4.07 -3.22 22.09
N ILE A 71 4.36 -4.49 21.78
CA ILE A 71 4.87 -4.87 20.48
C ILE A 71 4.50 -6.32 20.21
N ALA A 72 4.21 -6.62 18.95
CA ALA A 72 3.84 -7.97 18.55
C ALA A 72 4.12 -8.11 17.06
N VAL A 73 4.44 -9.33 16.65
CA VAL A 73 4.78 -9.64 15.27
C VAL A 73 3.68 -10.52 14.68
N GLU A 74 3.27 -10.21 13.47
CA GLU A 74 2.24 -11.01 12.80
C GLU A 74 2.82 -12.36 12.37
N PRO A 75 1.99 -13.39 12.31
CA PRO A 75 2.52 -14.75 12.09
C PRO A 75 3.29 -14.92 10.78
N GLY A 76 2.96 -14.16 9.74
CA GLY A 76 3.71 -14.24 8.50
C GLY A 76 5.03 -13.51 8.47
N ASN A 77 5.38 -12.82 9.56
CA ASN A 77 6.67 -12.14 9.71
C ASN A 77 6.88 -11.00 8.72
N GLN A 78 5.81 -10.47 8.13
CA GLN A 78 5.97 -9.36 7.19
C GLN A 78 5.87 -8.00 7.86
N TRP A 79 5.09 -7.87 8.94
CA TRP A 79 4.93 -6.59 9.62
C TRP A 79 4.87 -6.84 11.12
N PHE A 80 4.98 -5.75 11.89
CA PHE A 80 4.74 -5.80 13.33
C PHE A 80 3.88 -4.61 13.71
N VAL A 81 3.35 -4.66 14.93
CA VAL A 81 2.42 -3.65 15.41
C VAL A 81 2.85 -3.19 16.79
N THR A 82 2.71 -1.90 17.06
CA THR A 82 3.07 -1.31 18.34
C THR A 82 1.91 -0.50 18.88
N GLY A 83 1.94 -0.25 20.18
CA GLY A 83 1.01 0.65 20.82
C GLY A 83 1.76 1.55 21.78
N SER A 84 1.23 2.76 21.96
CA SER A 84 1.96 3.78 22.68
C SER A 84 1.04 4.56 23.59
N ALA A 85 1.65 5.44 24.39
CA ALA A 85 0.90 6.38 25.19
C ALA A 85 0.33 7.52 24.36
N ASP A 86 0.77 7.67 23.11
CA ASP A 86 0.14 8.64 22.21
C ASP A 86 -1.23 8.18 21.73
N ARG A 87 -1.74 7.08 22.30
CA ARG A 87 -3.08 6.53 22.09
C ARG A 87 -3.29 5.91 20.71
N THR A 88 -2.21 5.69 19.95
N THR A 88 -2.21 5.68 19.96
CA THR A 88 -2.31 5.14 18.60
CA THR A 88 -2.34 5.13 18.61
C THR A 88 -1.73 3.73 18.54
C THR A 88 -1.74 3.72 18.55
N ILE A 89 -2.20 2.98 17.55
CA ILE A 89 -1.68 1.67 17.21
C ILE A 89 -1.06 1.77 15.83
N LYS A 90 0.20 1.39 15.71
CA LYS A 90 0.94 1.58 14.47
C LYS A 90 1.42 0.24 13.94
N ILE A 91 1.44 0.12 12.61
CA ILE A 91 1.82 -1.10 11.93
C ILE A 91 2.92 -0.79 10.95
N TRP A 92 4.03 -1.49 11.10
CA TRP A 92 5.24 -1.22 10.35
C TRP A 92 5.65 -2.46 9.59
N ASP A 93 6.16 -2.24 8.39
CA ASP A 93 6.78 -3.32 7.63
C ASP A 93 8.10 -3.69 8.28
N LEU A 94 8.30 -5.00 8.50
CA LEU A 94 9.44 -5.46 9.31
C LEU A 94 10.76 -5.31 8.57
N ALA A 95 10.75 -5.51 7.25
CA ALA A 95 11.99 -5.43 6.48
C ALA A 95 12.44 -3.98 6.29
N SER A 96 11.55 -3.10 5.87
CA SER A 96 11.93 -1.71 5.67
C SER A 96 11.92 -0.89 6.95
N GLY A 97 11.17 -1.31 7.96
CA GLY A 97 10.92 -0.48 9.12
C GLY A 97 9.98 0.67 8.88
N LYS A 98 9.57 0.89 7.63
CA LYS A 98 8.73 2.03 7.30
C LYS A 98 7.30 1.81 7.75
N LEU A 99 6.62 2.93 8.08
CA LEU A 99 5.27 2.87 8.59
C LEU A 99 4.29 2.51 7.47
N LYS A 100 3.46 1.51 7.73
CA LYS A 100 2.43 1.06 6.80
C LYS A 100 1.06 1.66 7.09
N LEU A 101 0.67 1.74 8.36
CA LEU A 101 -0.69 2.13 8.72
C LEU A 101 -0.73 2.48 10.21
N SER A 102 -1.68 3.35 10.56
CA SER A 102 -1.83 3.80 11.94
C SER A 102 -3.30 3.84 12.31
N LEU A 103 -3.64 3.22 13.44
CA LEU A 103 -5.02 3.14 13.87
C LEU A 103 -5.24 3.86 15.19
N THR A 104 -6.38 4.52 15.29
CA THR A 104 -6.77 5.21 16.50
C THR A 104 -8.14 4.70 16.95
N GLY A 105 -8.46 4.98 18.21
CA GLY A 105 -9.61 4.36 18.82
C GLY A 105 -9.49 4.11 20.31
N HIS A 106 -8.28 3.99 20.83
CA HIS A 106 -8.09 4.05 22.28
C HIS A 106 -7.95 5.50 22.73
N ILE A 107 -8.63 5.85 23.83
CA ILE A 107 -8.54 7.20 24.42
C ILE A 107 -7.49 7.28 25.52
N SER A 108 -6.74 6.21 25.77
CA SER A 108 -5.72 6.22 26.80
C SER A 108 -4.50 5.50 26.25
N THR A 109 -3.53 5.21 27.12
CA THR A 109 -2.32 4.53 26.68
C THR A 109 -2.65 3.12 26.20
N VAL A 110 -2.02 2.72 25.10
CA VAL A 110 -2.14 1.36 24.57
C VAL A 110 -1.11 0.48 25.28
N ARG A 111 -1.59 -0.58 25.93
CA ARG A 111 -0.75 -1.40 26.79
C ARG A 111 -0.59 -2.84 26.33
N GLY A 112 -1.33 -3.28 25.31
CA GLY A 112 -1.22 -4.66 24.85
C GLY A 112 -1.69 -4.89 23.44
N VAL A 113 -0.96 -5.70 22.68
CA VAL A 113 -1.31 -6.00 21.30
C VAL A 113 -1.00 -7.47 21.02
N ILE A 114 -1.72 -8.02 20.04
CA ILE A 114 -1.46 -9.37 19.54
C ILE A 114 -2.17 -9.54 18.21
N VAL A 115 -1.51 -10.18 17.25
CA VAL A 115 -2.11 -10.47 15.95
C VAL A 115 -2.57 -11.91 15.97
N SER A 116 -3.82 -12.14 15.58
CA SER A 116 -4.37 -13.50 15.68
C SER A 116 -3.67 -14.44 14.72
N THR A 117 -3.40 -15.65 15.21
CA THR A 117 -2.80 -16.73 14.45
C THR A 117 -3.85 -17.47 13.62
N ARG A 118 -5.12 -17.14 13.79
CA ARG A 118 -6.19 -17.83 13.09
C ARG A 118 -7.21 -16.89 12.54
N SER A 119 -6.84 -15.67 12.42
CA SER A 119 -7.73 -14.70 11.88
C SER A 119 -6.98 -13.66 11.17
N PRO A 120 -7.69 -12.71 10.69
CA PRO A 120 -7.18 -11.51 10.08
C PRO A 120 -7.33 -10.35 11.07
N TYR A 121 -7.50 -10.67 12.33
CA TYR A 121 -7.70 -9.72 13.34
C TYR A 121 -6.54 -9.33 14.25
N LEU A 122 -6.61 -8.13 14.76
CA LEU A 122 -5.65 -7.66 15.75
C LEU A 122 -6.42 -7.28 16.99
N PHE A 123 -5.93 -7.71 18.14
CA PHE A 123 -6.54 -7.38 19.42
C PHE A 123 -5.66 -6.42 20.19
N SER A 124 -6.30 -5.61 21.03
CA SER A 124 -5.60 -4.56 21.76
C SER A 124 -6.35 -4.27 23.05
N CYS A 125 -5.59 -3.92 24.08
CA CYS A 125 -6.14 -3.53 25.37
C CYS A 125 -5.36 -2.33 25.88
N GLY A 126 -6.07 -1.42 26.55
CA GLY A 126 -5.48 -0.15 26.94
C GLY A 126 -5.92 0.28 28.33
N GLU A 127 -5.30 1.37 28.79
CA GLU A 127 -5.56 1.89 30.12
C GLU A 127 -6.96 2.49 30.26
N ASP A 128 -7.70 2.62 29.15
CA ASP A 128 -9.05 3.14 29.19
C ASP A 128 -10.08 2.05 29.50
N LYS A 129 -9.63 0.92 30.04
CA LYS A 129 -10.42 -0.27 30.35
C LYS A 129 -10.98 -0.96 29.11
N GLN A 130 -10.61 -0.52 27.91
CA GLN A 130 -11.18 -1.07 26.70
C GLN A 130 -10.32 -2.22 26.17
N VAL A 131 -10.98 -3.14 25.46
CA VAL A 131 -10.32 -4.25 24.79
C VAL A 131 -11.01 -4.41 23.43
N LYS A 132 -10.27 -4.26 22.35
CA LYS A 132 -10.87 -4.11 21.03
C LYS A 132 -10.41 -5.22 20.09
N CYS A 133 -11.28 -5.51 19.11
CA CYS A 133 -10.95 -6.36 17.98
C CYS A 133 -10.85 -5.48 16.73
N TRP A 134 -9.65 -5.40 16.16
CA TRP A 134 -9.42 -4.64 14.95
C TRP A 134 -9.42 -5.57 13.73
N ASP A 135 -10.06 -5.11 12.67
CA ASP A 135 -9.95 -5.70 11.35
C ASP A 135 -9.18 -4.69 10.52
N LEU A 136 -7.89 -4.95 10.33
CA LEU A 136 -7.07 -4.01 9.58
C LEU A 136 -7.26 -4.15 8.09
N GLU A 137 -7.68 -5.33 7.63
CA GLU A 137 -8.20 -5.44 6.27
C GLU A 137 -9.29 -4.41 6.01
N TYR A 138 -10.10 -4.08 7.03
CA TYR A 138 -11.02 -2.96 6.98
C TYR A 138 -10.54 -1.75 7.79
N ASN A 139 -9.50 -1.92 8.60
CA ASN A 139 -8.83 -0.81 9.32
C ASN A 139 -9.79 -0.11 10.28
N LYS A 140 -10.47 -0.89 11.10
CA LYS A 140 -11.43 -0.34 12.06
C LYS A 140 -11.71 -1.38 13.13
N VAL A 141 -12.22 -0.88 14.27
CA VAL A 141 -12.66 -1.76 15.35
C VAL A 141 -13.97 -2.43 14.94
N ILE A 142 -14.07 -3.73 15.17
CA ILE A 142 -15.27 -4.47 14.83
C ILE A 142 -15.98 -5.01 16.05
N ARG A 143 -15.31 -5.11 17.20
CA ARG A 143 -15.96 -5.61 18.41
C ARG A 143 -15.32 -4.96 19.62
N HIS A 144 -16.10 -4.86 20.69
CA HIS A 144 -15.63 -4.43 22.00
C HIS A 144 -15.74 -5.60 22.98
N TYR A 145 -14.89 -5.56 24.00
CA TYR A 145 -14.93 -6.54 25.08
C TYR A 145 -14.98 -5.76 26.38
N HIS A 146 -16.19 -5.58 26.91
CA HIS A 146 -16.43 -4.87 28.16
C HIS A 146 -16.53 -5.88 29.30
N GLY A 147 -16.09 -5.45 30.48
CA GLY A 147 -16.14 -6.30 31.65
C GLY A 147 -15.03 -6.07 32.65
N HIS A 148 -13.89 -5.54 32.22
CA HIS A 148 -12.87 -5.15 33.18
C HIS A 148 -13.23 -3.82 33.81
N LEU A 149 -12.89 -3.66 35.09
CA LEU A 149 -13.25 -2.49 35.86
C LEU A 149 -12.11 -1.48 35.96
N SER A 150 -10.98 -1.75 35.34
CA SER A 150 -9.81 -0.88 35.45
C SER A 150 -8.96 -1.04 34.20
N ALA A 151 -7.81 -0.37 34.19
CA ALA A 151 -6.88 -0.46 33.07
C ALA A 151 -6.49 -1.91 32.80
N VAL A 152 -6.43 -2.28 31.53
CA VAL A 152 -6.08 -3.63 31.10
C VAL A 152 -4.62 -3.62 30.66
N TYR A 153 -3.81 -4.48 31.27
CA TYR A 153 -2.37 -4.41 31.09
C TYR A 153 -1.83 -5.29 29.98
N GLY A 154 -2.52 -6.37 29.65
CA GLY A 154 -1.96 -7.27 28.65
C GLY A 154 -2.94 -8.34 28.24
N LEU A 155 -2.49 -9.17 27.30
CA LEU A 155 -3.34 -10.18 26.72
C LEU A 155 -2.49 -11.30 26.12
N ASP A 156 -3.14 -12.44 25.91
CA ASP A 156 -2.54 -13.51 25.13
C ASP A 156 -3.66 -14.32 24.49
N LEU A 157 -3.34 -14.98 23.38
CA LEU A 157 -4.29 -15.80 22.64
C LEU A 157 -3.97 -17.27 22.83
N HIS A 158 -5.00 -18.08 23.05
CA HIS A 158 -4.84 -19.52 23.07
C HIS A 158 -4.47 -20.01 21.67
N PRO A 159 -3.52 -20.97 21.58
CA PRO A 159 -3.02 -21.34 20.25
C PRO A 159 -4.10 -21.82 19.29
N THR A 160 -5.07 -22.60 19.77
CA THR A 160 -6.11 -23.08 18.87
C THR A 160 -7.53 -23.07 19.38
N ILE A 161 -7.78 -22.91 20.66
CA ILE A 161 -9.13 -22.55 21.09
C ILE A 161 -9.31 -21.07 20.80
N ASP A 162 -10.44 -20.71 20.19
CA ASP A 162 -10.67 -19.34 19.76
C ASP A 162 -11.11 -18.50 20.96
N VAL A 163 -10.16 -18.29 21.88
CA VAL A 163 -10.41 -17.49 23.07
C VAL A 163 -9.32 -16.44 23.21
N LEU A 164 -9.72 -15.29 23.77
CA LEU A 164 -8.82 -14.21 24.12
C LEU A 164 -8.76 -14.11 25.64
N VAL A 165 -7.58 -13.84 26.19
CA VAL A 165 -7.38 -13.72 27.62
C VAL A 165 -6.77 -12.36 27.91
N THR A 166 -7.36 -11.64 28.87
CA THR A 166 -6.91 -10.30 29.25
C THR A 166 -6.51 -10.31 30.72
N CYS A 167 -5.62 -9.39 31.09
CA CYS A 167 -5.25 -9.19 32.49
C CYS A 167 -5.30 -7.71 32.80
N SER A 168 -5.85 -7.36 33.97
CA SER A 168 -6.20 -5.98 34.25
C SER A 168 -5.78 -5.63 35.67
N ARG A 169 -5.83 -4.32 35.97
CA ARG A 169 -5.55 -3.80 37.31
CA ARG A 169 -5.50 -3.91 37.33
C ARG A 169 -6.61 -4.23 38.32
N ASP A 170 -7.78 -4.70 37.84
CA ASP A 170 -8.84 -5.17 38.74
C ASP A 170 -8.53 -6.56 39.32
N SER A 171 -7.27 -6.97 39.20
CA SER A 171 -6.72 -8.19 39.80
C SER A 171 -7.27 -9.47 39.20
N THR A 172 -7.95 -9.39 38.06
CA THR A 172 -8.54 -10.56 37.43
C THR A 172 -8.03 -10.73 36.00
N ALA A 173 -8.19 -11.94 35.51
CA ALA A 173 -8.09 -12.24 34.09
C ALA A 173 -9.47 -12.65 33.60
N ARG A 174 -9.75 -12.34 32.34
CA ARG A 174 -11.05 -12.66 31.77
C ARG A 174 -10.85 -13.33 30.42
N ILE A 175 -11.65 -14.35 30.15
CA ILE A 175 -11.60 -15.08 28.88
C ILE A 175 -12.74 -14.60 28.00
N TRP A 176 -12.42 -14.39 26.72
CA TRP A 176 -13.36 -13.82 25.77
C TRP A 176 -13.42 -14.70 24.53
N ASP A 177 -14.61 -15.18 24.18
CA ASP A 177 -14.81 -15.79 22.88
C ASP A 177 -14.74 -14.69 21.82
N VAL A 178 -13.97 -14.94 20.77
CA VAL A 178 -13.75 -13.92 19.75
C VAL A 178 -14.80 -13.97 18.66
N HIS A 185 -15.57 -16.37 30.93
CA HIS A 185 -15.35 -16.55 32.36
C HIS A 185 -14.77 -15.29 33.01
N THR A 186 -14.42 -15.41 34.28
CA THR A 186 -13.64 -14.40 34.99
C THR A 186 -12.73 -15.12 35.97
N LEU A 187 -11.42 -14.95 35.81
CA LEU A 187 -10.44 -15.67 36.63
C LEU A 187 -10.10 -14.79 37.83
N SER A 188 -10.68 -15.11 38.98
CA SER A 188 -10.53 -14.32 40.20
C SER A 188 -9.65 -15.05 41.20
N GLY A 189 -9.00 -14.26 42.06
CA GLY A 189 -8.14 -14.82 43.09
C GLY A 189 -6.88 -14.00 43.38
N HIS A 190 -6.36 -13.33 42.37
CA HIS A 190 -5.21 -12.45 42.59
C HIS A 190 -5.64 -11.23 43.39
N THR A 191 -4.76 -10.75 44.27
CA THR A 191 -5.10 -9.69 45.20
C THR A 191 -4.52 -8.33 44.81
N ASN A 192 -3.93 -8.23 43.62
CA ASN A 192 -3.44 -6.96 43.10
C ASN A 192 -3.39 -7.06 41.59
N ALA A 193 -2.94 -5.99 40.94
CA ALA A 193 -2.92 -5.94 39.48
C ALA A 193 -2.17 -7.12 38.90
N VAL A 194 -2.72 -7.71 37.84
CA VAL A 194 -2.08 -8.77 37.08
C VAL A 194 -1.38 -8.12 35.90
N ALA A 195 -0.05 -8.13 35.91
CA ALA A 195 0.71 -7.36 34.94
C ALA A 195 0.93 -8.09 33.62
N THR A 196 0.83 -9.43 33.61
CA THR A 196 1.10 -10.18 32.40
C THR A 196 0.38 -11.51 32.46
N VAL A 197 0.09 -12.07 31.28
CA VAL A 197 -0.66 -13.32 31.16
C VAL A 197 -0.14 -14.08 29.95
N ARG A 198 -0.02 -15.40 30.10
CA ARG A 198 0.42 -16.27 29.02
C ARG A 198 -0.56 -17.43 28.85
N CYS A 199 -0.85 -17.76 27.59
CA CYS A 199 -1.81 -18.80 27.26
C CYS A 199 -1.08 -19.97 26.61
N GLN A 200 -1.64 -21.15 26.81
CA GLN A 200 -0.94 -22.40 26.55
C GLN A 200 -1.85 -23.36 25.81
N ALA A 201 -1.28 -24.43 25.27
CA ALA A 201 -2.04 -25.50 24.65
C ALA A 201 -2.53 -26.52 25.69
N ALA A 202 -1.61 -27.16 26.39
CA ALA A 202 -1.97 -28.18 27.37
C ALA A 202 -2.34 -27.51 28.69
N GLU A 203 -2.79 -28.34 29.65
CA GLU A 203 -3.07 -27.83 30.99
C GLU A 203 -1.77 -27.61 31.75
N PRO A 204 -1.72 -26.59 32.62
CA PRO A 204 -2.74 -25.57 32.83
C PRO A 204 -2.59 -24.46 31.80
N GLN A 205 -3.68 -24.16 31.08
CA GLN A 205 -3.58 -23.38 29.87
C GLN A 205 -3.26 -21.90 30.11
N ILE A 206 -3.51 -21.37 31.31
CA ILE A 206 -3.38 -19.94 31.58
C ILE A 206 -2.37 -19.72 32.69
N ILE A 207 -1.43 -18.80 32.47
CA ILE A 207 -0.39 -18.44 33.41
C ILE A 207 -0.41 -16.92 33.58
N THR A 208 -0.49 -16.45 34.82
CA THR A 208 -0.55 -15.01 35.08
C THR A 208 0.50 -14.61 36.09
N GLY A 209 1.09 -13.45 35.89
CA GLY A 209 1.98 -12.82 36.87
C GLY A 209 1.33 -11.56 37.42
N SER A 210 1.28 -11.47 38.75
CA SER A 210 0.51 -10.44 39.42
C SER A 210 1.40 -9.57 40.33
N HIS A 211 0.89 -8.38 40.65
CA HIS A 211 1.55 -7.49 41.58
C HIS A 211 1.44 -7.97 43.02
N ASP A 212 0.70 -9.05 43.26
CA ASP A 212 0.69 -9.74 44.55
C ASP A 212 1.86 -10.71 44.68
N THR A 213 2.85 -10.59 43.79
CA THR A 213 4.09 -11.37 43.75
C THR A 213 3.88 -12.83 43.36
N THR A 214 2.67 -13.22 42.95
CA THR A 214 2.35 -14.62 42.78
C THR A 214 2.15 -14.99 41.31
N ILE A 215 2.43 -16.25 41.02
CA ILE A 215 2.09 -16.90 39.75
C ILE A 215 0.85 -17.75 40.00
N ARG A 216 -0.02 -17.83 39.00
CA ARG A 216 -1.21 -18.68 39.11
C ARG A 216 -1.41 -19.43 37.81
N LEU A 217 -1.47 -20.76 37.91
CA LEU A 217 -1.78 -21.62 36.79
C LEU A 217 -3.25 -21.99 36.87
N TRP A 218 -4.01 -21.64 35.84
CA TRP A 218 -5.47 -21.77 35.90
C TRP A 218 -5.98 -23.00 35.15
N GLY A 223 -12.00 -22.39 34.90
CA GLY A 223 -11.77 -21.00 35.26
C GLY A 223 -11.24 -20.84 36.67
N LYS A 224 -10.56 -21.87 37.15
CA LYS A 224 -10.05 -21.90 38.52
C LYS A 224 -8.53 -22.08 38.50
N THR A 225 -7.91 -21.71 39.62
CA THR A 225 -6.47 -21.83 39.76
C THR A 225 -6.10 -23.26 40.12
N ARG A 226 -5.10 -23.81 39.42
CA ARG A 226 -4.51 -25.08 39.80
C ARG A 226 -3.36 -24.89 40.78
N VAL A 227 -2.46 -23.97 40.47
CA VAL A 227 -1.21 -23.79 41.21
C VAL A 227 -1.04 -22.30 41.50
N THR A 228 -0.61 -21.98 42.72
CA THR A 228 -0.19 -20.64 43.08
C THR A 228 1.19 -20.71 43.70
N LEU A 229 2.16 -20.04 43.09
CA LEU A 229 3.54 -20.06 43.54
C LEU A 229 3.92 -18.70 44.09
N THR A 230 4.45 -18.68 45.33
CA THR A 230 4.68 -17.47 46.10
C THR A 230 6.17 -17.17 46.31
N ASN A 231 7.06 -17.79 45.53
CA ASN A 231 8.48 -17.73 45.82
C ASN A 231 9.08 -16.34 45.61
N HIS A 232 8.40 -15.47 44.85
CA HIS A 232 8.95 -14.15 44.58
C HIS A 232 8.81 -13.24 45.80
N LYS A 233 9.83 -12.43 46.05
CA LYS A 233 9.82 -11.48 47.14
C LYS A 233 9.27 -10.12 46.74
N LYS A 234 9.24 -9.81 45.45
CA LYS A 234 8.68 -8.58 44.93
C LYS A 234 7.58 -8.91 43.92
N SER A 235 6.88 -7.88 43.47
CA SER A 235 5.74 -8.08 42.58
C SER A 235 6.22 -8.48 41.19
N VAL A 236 5.57 -9.49 40.61
CA VAL A 236 5.99 -10.01 39.31
C VAL A 236 5.24 -9.29 38.20
N ARG A 237 5.98 -9.00 37.13
CA ARG A 237 5.59 -8.04 36.11
C ARG A 237 5.77 -8.58 34.71
N ALA A 238 6.45 -9.72 34.55
CA ALA A 238 6.73 -10.32 33.25
C ALA A 238 6.86 -11.82 33.44
N VAL A 239 6.23 -12.58 32.55
CA VAL A 239 6.33 -14.03 32.52
C VAL A 239 6.49 -14.47 31.07
N VAL A 240 7.33 -15.47 30.85
CA VAL A 240 7.65 -15.96 29.50
C VAL A 240 7.42 -17.46 29.45
N LEU A 241 6.93 -17.94 28.31
CA LEU A 241 6.80 -19.37 28.05
C LEU A 241 7.91 -19.82 27.11
N HIS A 242 8.44 -21.02 27.35
CA HIS A 242 9.45 -21.56 26.45
C HIS A 242 8.78 -22.25 25.27
N PRO A 243 9.23 -21.99 24.04
CA PRO A 243 8.48 -22.48 22.85
C PRO A 243 8.32 -24.00 22.78
N ARG A 244 9.02 -24.78 23.61
CA ARG A 244 8.76 -26.21 23.67
C ARG A 244 7.75 -26.57 24.75
N HIS A 245 7.43 -25.64 25.65
CA HIS A 245 6.29 -25.72 26.57
C HIS A 245 6.52 -26.70 27.72
N TYR A 246 7.77 -26.94 28.11
CA TYR A 246 8.03 -27.72 29.31
C TYR A 246 8.56 -26.87 30.46
N THR A 247 8.96 -25.63 30.19
CA THR A 247 9.57 -24.76 31.18
C THR A 247 9.13 -23.33 30.89
N PHE A 248 9.19 -22.49 31.92
CA PHE A 248 8.87 -21.08 31.76
C PHE A 248 9.61 -20.29 32.82
N ALA A 249 9.51 -18.96 32.73
CA ALA A 249 10.27 -18.08 33.62
C ALA A 249 9.42 -16.89 34.03
N SER A 250 9.76 -16.33 35.19
CA SER A 250 9.01 -15.23 35.79
C SER A 250 9.98 -14.12 36.20
N GLY A 251 9.64 -12.88 35.86
CA GLY A 251 10.53 -11.75 36.08
C GLY A 251 10.20 -11.02 37.37
N SER A 252 11.24 -10.58 38.07
CA SER A 252 11.09 -9.84 39.32
C SER A 252 12.21 -8.82 39.41
N PRO A 253 12.11 -7.88 40.36
CA PRO A 253 13.29 -7.08 40.67
C PRO A 253 14.35 -7.85 41.46
N ASP A 254 13.97 -8.90 42.19
CA ASP A 254 14.95 -9.66 42.96
C ASP A 254 15.60 -10.76 42.15
N ASN A 255 14.82 -11.49 41.34
CA ASN A 255 15.32 -12.65 40.64
C ASN A 255 14.37 -12.99 39.50
N ILE A 256 14.92 -13.59 38.44
CA ILE A 256 14.11 -14.20 37.41
C ILE A 256 14.13 -15.70 37.64
N LYS A 257 12.97 -16.26 37.95
CA LYS A 257 12.87 -17.65 38.40
C LYS A 257 12.37 -18.55 37.26
N GLN A 258 12.86 -19.78 37.26
CA GLN A 258 12.52 -20.76 36.23
C GLN A 258 11.67 -21.87 36.84
N TRP A 259 10.60 -22.25 36.15
CA TRP A 259 9.65 -23.23 36.64
C TRP A 259 9.34 -24.26 35.55
N LYS A 260 8.96 -25.45 35.98
CA LYS A 260 8.65 -26.56 35.08
C LYS A 260 7.15 -26.77 35.03
N PHE A 261 6.60 -26.83 33.82
CA PHE A 261 5.21 -27.19 33.63
C PHE A 261 5.01 -28.67 33.98
N PRO A 262 3.78 -29.08 34.33
CA PRO A 262 2.55 -28.29 34.43
C PRO A 262 2.22 -27.81 35.85
N ASP A 263 2.95 -28.30 36.85
CA ASP A 263 2.65 -27.97 38.24
C ASP A 263 3.48 -26.80 38.76
N GLY A 264 4.39 -26.26 37.96
CA GLY A 264 5.17 -25.12 38.39
C GLY A 264 6.24 -25.46 39.41
N SER A 265 7.17 -26.34 39.04
CA SER A 265 8.25 -26.73 39.93
C SER A 265 9.44 -25.81 39.74
N PHE A 266 9.89 -25.19 40.82
CA PHE A 266 11.03 -24.27 40.75
C PHE A 266 12.27 -24.98 40.25
N ILE A 267 12.94 -24.38 39.27
CA ILE A 267 14.13 -24.96 38.64
C ILE A 267 15.39 -24.26 39.12
N GLN A 268 15.49 -22.95 38.93
CA GLN A 268 16.70 -22.22 39.26
C GLN A 268 16.39 -20.73 39.31
N ASN A 269 17.21 -20.01 40.07
CA ASN A 269 17.15 -18.56 40.10
C ASN A 269 18.12 -18.01 39.08
N LEU A 270 17.67 -17.04 38.29
CA LEU A 270 18.52 -16.33 37.33
C LEU A 270 18.74 -14.93 37.91
N SER A 271 19.79 -14.81 38.71
CA SER A 271 20.07 -13.57 39.42
C SER A 271 20.94 -12.65 38.58
N GLY A 272 20.92 -11.36 38.93
CA GLY A 272 21.85 -10.43 38.34
C GLY A 272 21.26 -9.17 37.73
N HIS A 273 20.04 -9.27 37.21
CA HIS A 273 19.39 -8.11 36.59
C HIS A 273 18.68 -7.32 37.69
N ASN A 274 19.43 -6.42 38.32
CA ASN A 274 18.93 -5.66 39.47
C ASN A 274 18.25 -4.38 38.97
N ALA A 275 17.02 -4.54 38.50
CA ALA A 275 16.22 -3.42 38.00
C ALA A 275 14.77 -3.85 37.89
N ILE A 276 13.92 -2.92 37.43
CA ILE A 276 12.49 -3.15 37.31
C ILE A 276 12.24 -3.89 35.99
N ILE A 277 12.14 -5.21 36.04
CA ILE A 277 11.99 -6.00 34.83
C ILE A 277 10.59 -5.80 34.26
N ASN A 278 10.52 -5.20 33.06
CA ASN A 278 9.24 -4.99 32.40
C ASN A 278 8.88 -6.08 31.41
N THR A 279 9.88 -6.79 30.86
CA THR A 279 9.62 -7.71 29.76
C THR A 279 10.56 -8.90 29.80
N LEU A 280 10.05 -10.04 29.34
CA LEU A 280 10.82 -11.27 29.20
C LEU A 280 10.43 -11.94 27.88
N THR A 281 11.43 -12.30 27.07
CA THR A 281 11.17 -13.02 25.82
C THR A 281 12.36 -13.93 25.53
N VAL A 282 12.07 -15.06 24.88
CA VAL A 282 13.07 -16.04 24.54
C VAL A 282 12.76 -16.57 23.13
N ASN A 283 13.81 -17.03 22.45
CA ASN A 283 13.66 -17.71 21.17
C ASN A 283 13.99 -19.19 21.35
N SER A 284 13.89 -19.93 20.24
CA SER A 284 14.07 -21.39 20.29
C SER A 284 15.51 -21.77 20.59
N ASP A 285 16.47 -20.88 20.32
CA ASP A 285 17.87 -21.21 20.59
C ASP A 285 18.22 -21.11 22.07
N GLY A 286 17.33 -20.59 22.91
CA GLY A 286 17.60 -20.44 24.31
C GLY A 286 18.06 -19.08 24.75
N VAL A 287 18.00 -18.08 23.86
CA VAL A 287 18.41 -16.72 24.21
C VAL A 287 17.23 -16.02 24.88
N LEU A 288 17.35 -15.78 26.19
CA LEU A 288 16.33 -15.09 26.96
C LEU A 288 16.71 -13.62 27.11
N VAL A 289 15.72 -12.76 26.94
CA VAL A 289 15.90 -11.31 26.95
C VAL A 289 15.11 -10.72 28.10
N SER A 290 15.74 -9.84 28.87
CA SER A 290 15.06 -9.10 29.93
C SER A 290 15.33 -7.61 29.74
N GLY A 291 14.26 -6.84 29.55
CA GLY A 291 14.34 -5.39 29.46
C GLY A 291 13.73 -4.76 30.70
N ALA A 292 14.33 -3.66 31.16
CA ALA A 292 13.96 -3.02 32.42
C ALA A 292 13.70 -1.54 32.20
N ASP A 293 13.07 -0.92 33.22
CA ASP A 293 12.66 0.48 33.15
C ASP A 293 13.85 1.44 33.15
N ASN A 294 15.03 0.99 33.56
CA ASN A 294 16.23 1.80 33.45
C ASN A 294 16.90 1.71 32.07
N GLY A 295 16.33 0.92 31.16
CA GLY A 295 16.87 0.79 29.83
C GLY A 295 17.93 -0.28 29.65
N THR A 296 18.29 -1.01 30.70
CA THR A 296 19.24 -2.10 30.57
C THR A 296 18.56 -3.33 30.01
N MET A 297 19.35 -4.15 29.33
CA MET A 297 18.86 -5.41 28.79
C MET A 297 19.90 -6.49 29.04
N HIS A 298 19.45 -7.60 29.63
CA HIS A 298 20.32 -8.72 29.97
C HIS A 298 19.93 -9.92 29.12
N LEU A 299 20.90 -10.47 28.41
CA LEU A 299 20.72 -11.65 27.58
C LEU A 299 21.22 -12.87 28.34
N TRP A 300 20.45 -13.95 28.30
CA TRP A 300 20.77 -15.14 29.11
C TRP A 300 20.68 -16.41 28.27
N ASP A 301 21.42 -17.41 28.70
CA ASP A 301 21.22 -18.77 28.21
C ASP A 301 20.15 -19.43 29.07
N TRP A 302 19.12 -19.97 28.42
CA TRP A 302 17.96 -20.46 29.16
C TRP A 302 18.32 -21.65 30.03
N ARG A 303 19.02 -22.64 29.47
CA ARG A 303 19.29 -23.87 30.20
C ARG A 303 20.27 -23.63 31.36
N THR A 304 21.43 -23.04 31.06
CA THR A 304 22.42 -22.84 32.10
C THR A 304 22.10 -21.66 33.01
N GLY A 305 21.40 -20.66 32.48
CA GLY A 305 21.11 -19.45 33.23
C GLY A 305 22.21 -18.41 33.20
N TYR A 306 23.20 -18.54 32.32
CA TYR A 306 24.29 -17.57 32.28
C TYR A 306 23.84 -16.30 31.58
N ASN A 307 24.23 -15.16 32.15
CA ASN A 307 23.95 -13.85 31.57
C ASN A 307 25.14 -13.48 30.68
N PHE A 308 25.01 -13.77 29.38
CA PHE A 308 26.15 -13.69 28.48
C PHE A 308 26.34 -12.33 27.82
N GLN A 309 25.43 -11.39 28.02
CA GLN A 309 25.62 -10.05 27.47
C GLN A 309 24.79 -9.05 28.26
N ARG A 310 25.30 -7.82 28.35
CA ARG A 310 24.59 -6.72 28.99
C ARG A 310 24.73 -5.48 28.11
N VAL A 311 23.61 -5.03 27.55
CA VAL A 311 23.61 -3.86 26.66
C VAL A 311 23.03 -2.66 27.38
N GLU A 323 14.49 10.42 28.26
CA GLU A 323 14.01 9.28 29.05
C GLU A 323 14.42 7.98 28.40
N SER A 324 14.55 6.94 29.21
CA SER A 324 14.99 5.64 28.73
C SER A 324 14.26 4.55 29.49
N GLY A 325 14.08 3.43 28.83
CA GLY A 325 13.44 2.28 29.42
C GLY A 325 12.87 1.36 28.36
N ILE A 326 12.69 0.10 28.76
CA ILE A 326 12.19 -0.94 27.86
C ILE A 326 10.88 -1.46 28.44
N PHE A 327 9.81 -1.38 27.63
CA PHE A 327 8.49 -1.85 28.03
C PHE A 327 8.12 -3.19 27.39
N ALA A 328 8.48 -3.39 26.14
CA ALA A 328 8.19 -4.67 25.49
C ALA A 328 9.33 -5.04 24.56
N CYS A 329 9.65 -6.33 24.54
N CYS A 329 9.64 -6.34 24.51
CA CYS A 329 10.55 -6.92 23.57
CA CYS A 329 10.58 -6.87 23.53
C CYS A 329 9.83 -8.02 22.82
C CYS A 329 9.95 -8.09 22.87
N ALA A 330 10.26 -8.27 21.59
CA ALA A 330 9.66 -9.33 20.79
C ALA A 330 10.63 -9.81 19.74
N PHE A 331 10.79 -11.13 19.65
CA PHE A 331 11.48 -11.71 18.52
C PHE A 331 10.55 -11.80 17.32
N ASP A 332 11.16 -11.89 16.14
CA ASP A 332 10.41 -12.15 14.93
C ASP A 332 10.30 -13.65 14.73
N GLN A 333 9.53 -14.04 13.70
CA GLN A 333 9.30 -15.46 13.47
C GLN A 333 10.58 -16.18 13.09
N SER A 334 11.49 -15.51 12.38
CA SER A 334 12.77 -16.13 12.09
C SER A 334 13.65 -16.25 13.34
N GLU A 335 13.36 -15.46 14.37
CA GLU A 335 14.17 -15.38 15.60
C GLU A 335 15.57 -14.83 15.35
N SER A 336 15.79 -14.19 14.21
CA SER A 336 17.03 -13.50 13.90
C SER A 336 16.96 -12.01 14.19
N ARG A 337 15.79 -11.48 14.57
CA ARG A 337 15.63 -10.08 14.88
C ARG A 337 14.97 -9.95 16.25
N LEU A 338 15.46 -8.98 17.04
CA LEU A 338 14.95 -8.69 18.38
C LEU A 338 14.49 -7.24 18.40
N LEU A 339 13.21 -7.02 18.67
CA LEU A 339 12.59 -5.71 18.60
C LEU A 339 12.17 -5.26 19.99
N THR A 340 12.46 -4.00 20.32
CA THR A 340 12.21 -3.45 21.64
C THR A 340 11.24 -2.28 21.56
N ALA A 341 10.33 -2.21 22.53
CA ALA A 341 9.45 -1.07 22.71
C ALA A 341 9.97 -0.25 23.88
N GLU A 342 10.43 0.98 23.60
CA GLU A 342 11.18 1.76 24.56
C GLU A 342 10.47 3.08 24.88
N ALA A 343 10.76 3.61 26.07
CA ALA A 343 10.15 4.84 26.56
C ALA A 343 10.70 6.08 25.89
N ASP A 344 11.76 5.97 25.10
CA ASP A 344 12.24 7.05 24.27
C ASP A 344 11.47 7.16 22.97
N LYS A 345 10.29 6.53 22.91
CA LYS A 345 9.30 6.64 21.84
C LYS A 345 9.76 5.98 20.54
N THR A 346 10.73 5.08 20.59
CA THR A 346 11.22 4.41 19.39
C THR A 346 11.18 2.90 19.57
N ILE A 347 11.25 2.20 18.44
CA ILE A 347 11.45 0.76 18.38
C ILE A 347 12.87 0.51 17.88
N LYS A 348 13.63 -0.27 18.63
CA LYS A 348 15.01 -0.61 18.27
C LYS A 348 15.08 -2.08 17.88
N VAL A 349 15.77 -2.37 16.78
CA VAL A 349 15.90 -3.72 16.25
C VAL A 349 17.34 -4.19 16.44
N TYR A 350 17.50 -5.37 17.02
CA TYR A 350 18.80 -5.97 17.22
C TYR A 350 18.90 -7.29 16.47
N ARG A 351 20.05 -7.53 15.83
CA ARG A 351 20.39 -8.84 15.29
C ARG A 351 21.65 -9.33 15.97
N GLU A 352 22.05 -10.55 15.64
CA GLU A 352 23.34 -11.04 16.10
C GLU A 352 24.46 -10.46 15.23
N ASP A 353 25.61 -10.23 15.86
CA ASP A 353 26.74 -9.62 15.14
C ASP A 353 27.41 -10.63 14.21
N TRP B 51 16.13 15.69 -1.03
CA TRP B 51 16.46 16.84 -1.87
C TRP B 51 15.31 17.23 -2.78
N HIS B 52 14.99 18.51 -2.81
CA HIS B 52 14.05 19.08 -3.75
C HIS B 52 14.75 20.12 -4.61
N PRO B 53 14.49 20.14 -5.91
CA PRO B 53 15.04 21.20 -6.74
C PRO B 53 14.46 22.54 -6.34
N PRO B 54 15.24 23.62 -6.44
CA PRO B 54 14.71 24.94 -6.11
C PRO B 54 13.77 25.44 -7.20
N TRP B 55 12.92 26.38 -6.81
CA TRP B 55 11.92 26.93 -7.71
C TRP B 55 12.36 28.30 -8.20
N LYS B 56 11.91 28.65 -9.40
CA LYS B 56 12.33 29.88 -10.05
C LYS B 56 11.12 30.56 -10.67
N LEU B 57 11.11 31.89 -10.64
CA LEU B 57 10.03 32.65 -11.26
C LEU B 57 10.11 32.51 -12.78
N TYR B 58 8.96 32.23 -13.41
CA TYR B 58 8.91 32.09 -14.86
C TYR B 58 8.24 33.27 -15.57
N ARG B 59 7.10 33.77 -15.09
CA ARG B 59 6.56 35.02 -15.61
C ARG B 59 5.57 35.63 -14.62
N VAL B 60 5.24 36.90 -14.87
CA VAL B 60 4.43 37.73 -13.99
C VAL B 60 3.17 38.09 -14.77
N ILE B 61 2.00 37.85 -14.15
CA ILE B 61 0.71 38.09 -14.79
C ILE B 61 0.06 39.29 -14.14
N SER B 62 -0.20 40.33 -14.93
CA SER B 62 -0.79 41.57 -14.44
C SER B 62 -2.14 41.80 -15.10
N GLY B 63 -2.90 42.73 -14.51
CA GLY B 63 -4.25 43.02 -14.94
C GLY B 63 -5.18 43.45 -13.83
N HIS B 64 -4.92 42.98 -12.60
CA HIS B 64 -5.64 43.49 -11.45
C HIS B 64 -5.15 44.89 -11.09
N LEU B 65 -6.06 45.70 -10.56
CA LEU B 65 -5.75 47.07 -10.16
C LEU B 65 -5.67 47.23 -8.65
N GLY B 66 -5.68 46.13 -7.92
CA GLY B 66 -5.54 46.17 -6.47
C GLY B 66 -4.97 44.87 -5.95
N TRP B 67 -4.91 44.72 -4.64
CA TRP B 67 -4.34 43.52 -4.04
C TRP B 67 -5.07 42.28 -4.56
N VAL B 68 -4.31 41.28 -4.97
CA VAL B 68 -4.87 39.99 -5.34
C VAL B 68 -4.94 39.16 -4.06
N ARG B 69 -6.15 38.88 -3.59
CA ARG B 69 -6.33 38.31 -2.26
C ARG B 69 -6.46 36.80 -2.25
N CYS B 70 -6.83 36.19 -3.37
CA CYS B 70 -7.12 34.76 -3.40
C CYS B 70 -6.88 34.21 -4.81
N ILE B 71 -6.67 32.90 -4.87
CA ILE B 71 -6.35 32.24 -6.13
C ILE B 71 -6.72 30.76 -5.99
N ALA B 72 -7.16 30.17 -7.10
CA ALA B 72 -7.57 28.78 -7.11
C ALA B 72 -7.48 28.25 -8.53
N VAL B 73 -7.13 26.98 -8.66
CA VAL B 73 -6.95 26.34 -9.96
C VAL B 73 -8.14 25.43 -10.22
N GLU B 74 -8.63 25.44 -11.46
CA GLU B 74 -9.71 24.54 -11.84
C GLU B 74 -9.18 23.11 -11.94
N PRO B 75 -10.07 22.11 -11.76
CA PRO B 75 -9.61 20.71 -11.74
C PRO B 75 -8.95 20.24 -13.02
N GLY B 76 -9.46 20.67 -14.18
CA GLY B 76 -8.85 20.30 -15.44
C GLY B 76 -7.54 21.01 -15.76
N ASN B 77 -7.07 21.88 -14.87
CA ASN B 77 -5.77 22.55 -15.00
C ASN B 77 -5.68 23.37 -16.29
N GLN B 78 -6.82 23.82 -16.81
CA GLN B 78 -6.81 24.69 -17.98
C GLN B 78 -6.82 26.16 -17.61
N TRP B 79 -7.43 26.52 -16.50
CA TRP B 79 -7.48 27.91 -16.07
C TRP B 79 -7.41 27.98 -14.56
N PHE B 80 -7.20 29.19 -14.05
CA PHE B 80 -7.28 29.46 -12.62
C PHE B 80 -8.03 30.78 -12.43
N VAL B 81 -8.39 31.06 -11.19
CA VAL B 81 -9.26 32.19 -10.88
C VAL B 81 -8.63 32.98 -9.73
N THR B 82 -8.74 34.31 -9.81
CA THR B 82 -8.20 35.19 -8.79
C THR B 82 -9.29 36.15 -8.32
N GLY B 83 -9.16 36.60 -7.09
CA GLY B 83 -10.04 37.62 -6.55
C GLY B 83 -9.22 38.71 -5.91
N SER B 84 -9.64 39.96 -6.15
CA SER B 84 -8.84 41.13 -5.81
C SER B 84 -9.67 42.19 -5.12
N ALA B 85 -8.96 43.17 -4.55
CA ALA B 85 -9.56 44.33 -3.90
C ALA B 85 -10.08 45.36 -4.90
N ASP B 86 -9.89 45.14 -6.21
CA ASP B 86 -10.56 45.93 -7.22
C ASP B 86 -11.99 45.46 -7.48
N ARG B 87 -12.52 44.60 -6.61
CA ARG B 87 -13.90 44.11 -6.64
C ARG B 87 -14.18 43.21 -7.83
N THR B 88 -13.15 42.72 -8.51
N THR B 88 -13.14 42.73 -8.52
CA THR B 88 -13.31 41.89 -9.70
CA THR B 88 -13.33 41.88 -9.69
C THR B 88 -12.83 40.46 -9.43
C THR B 88 -12.86 40.47 -9.40
N ILE B 89 -13.52 39.51 -10.05
CA ILE B 89 -13.11 38.12 -10.08
C ILE B 89 -12.66 37.84 -11.51
N LYS B 90 -11.43 37.36 -11.68
CA LYS B 90 -10.86 37.21 -13.00
C LYS B 90 -10.45 35.77 -13.25
N ILE B 91 -10.58 35.35 -14.51
CA ILE B 91 -10.23 34.00 -14.95
C ILE B 91 -9.10 34.11 -15.97
N TRP B 92 -8.01 33.40 -15.73
CA TRP B 92 -6.85 33.40 -16.62
C TRP B 92 -6.61 31.99 -17.11
N ASP B 93 -6.26 31.88 -18.38
CA ASP B 93 -5.78 30.61 -18.92
C ASP B 93 -4.42 30.28 -18.31
N LEU B 94 -4.27 29.05 -17.83
CA LEU B 94 -3.07 28.68 -17.07
C LEU B 94 -1.84 28.65 -17.96
N ALA B 95 -1.94 28.01 -19.13
CA ALA B 95 -0.78 27.87 -20.00
C ALA B 95 -0.39 29.20 -20.64
N SER B 96 -1.37 29.96 -21.14
CA SER B 96 -1.06 31.25 -21.73
C SER B 96 -0.81 32.33 -20.69
N GLY B 97 -1.48 32.26 -19.54
CA GLY B 97 -1.49 33.36 -18.60
C GLY B 97 -2.41 34.50 -18.99
N LYS B 98 -3.07 34.41 -20.14
CA LYS B 98 -3.85 35.51 -20.66
C LYS B 98 -5.21 35.58 -20.00
N LEU B 99 -5.76 36.78 -19.95
CA LEU B 99 -7.07 37.00 -19.37
C LEU B 99 -8.14 36.39 -20.26
N LYS B 100 -9.04 35.61 -19.65
CA LYS B 100 -10.18 35.03 -20.36
C LYS B 100 -11.46 35.82 -20.12
N LEU B 101 -11.76 36.15 -18.86
CA LEU B 101 -12.98 36.90 -18.56
C LEU B 101 -12.78 37.61 -17.22
N SER B 102 -13.54 38.69 -17.03
CA SER B 102 -13.55 39.46 -15.80
C SER B 102 -14.98 39.55 -15.29
N LEU B 103 -15.22 39.11 -14.06
CA LEU B 103 -16.54 39.12 -13.45
C LEU B 103 -16.58 40.08 -12.28
N THR B 104 -17.70 40.80 -12.16
CA THR B 104 -17.96 41.69 -11.04
C THR B 104 -19.35 41.39 -10.47
N GLY B 105 -19.62 41.99 -9.32
CA GLY B 105 -20.82 41.71 -8.57
C GLY B 105 -20.61 41.83 -7.07
N HIS B 106 -19.38 41.56 -6.62
CA HIS B 106 -19.03 41.90 -5.25
C HIS B 106 -18.89 43.41 -5.12
N ILE B 107 -19.38 43.94 -3.99
CA ILE B 107 -19.27 45.36 -3.74
C ILE B 107 -18.08 45.70 -2.86
N SER B 108 -17.26 44.72 -2.51
CA SER B 108 -16.09 44.93 -1.66
C SER B 108 -14.96 44.05 -2.18
N THR B 109 -13.93 43.89 -1.34
CA THR B 109 -12.78 43.07 -1.73
C THR B 109 -13.15 41.60 -1.77
N VAL B 110 -12.76 40.93 -2.85
CA VAL B 110 -12.98 39.49 -2.98
C VAL B 110 -11.84 38.78 -2.28
N ARG B 111 -12.17 38.02 -1.23
CA ARG B 111 -11.19 37.41 -0.34
C ARG B 111 -11.10 35.90 -0.46
N GLY B 112 -11.98 35.28 -1.23
CA GLY B 112 -11.92 33.84 -1.42
C GLY B 112 -12.56 33.37 -2.71
N VAL B 113 -11.99 32.34 -3.32
CA VAL B 113 -12.54 31.71 -4.52
C VAL B 113 -12.27 30.22 -4.44
N ILE B 114 -13.09 29.44 -5.15
CA ILE B 114 -12.89 28.01 -5.28
C ILE B 114 -13.72 27.52 -6.46
N VAL B 115 -13.18 26.55 -7.20
CA VAL B 115 -13.87 25.94 -8.33
C VAL B 115 -14.33 24.55 -7.92
N SER B 116 -15.59 24.24 -8.20
CA SER B 116 -16.20 23.00 -7.76
C SER B 116 -15.65 21.81 -8.54
N THR B 117 -15.57 20.64 -7.93
CA THR B 117 -15.13 19.46 -8.67
C THR B 117 -16.27 18.89 -9.47
N ARG B 118 -17.40 18.80 -8.79
CA ARG B 118 -18.59 18.21 -9.33
C ARG B 118 -19.41 19.07 -10.23
N SER B 119 -18.94 20.26 -10.58
CA SER B 119 -19.66 21.14 -11.47
C SER B 119 -18.86 22.24 -12.08
N PRO B 120 -19.48 22.96 -12.96
CA PRO B 120 -18.95 24.12 -13.65
C PRO B 120 -19.35 25.33 -12.82
N TYR B 121 -19.17 25.19 -11.51
CA TYR B 121 -19.50 26.23 -10.56
C TYR B 121 -18.22 26.87 -10.02
N LEU B 122 -18.34 28.11 -9.58
CA LEU B 122 -17.27 28.83 -8.89
C LEU B 122 -17.88 29.55 -7.71
N PHE B 123 -17.26 29.42 -6.54
CA PHE B 123 -17.73 30.06 -5.32
C PHE B 123 -16.79 31.19 -4.93
N SER B 124 -17.37 32.24 -4.36
CA SER B 124 -16.59 33.41 -3.96
C SER B 124 -17.19 34.02 -2.70
N CYS B 125 -16.31 34.58 -1.86
CA CYS B 125 -16.73 35.30 -0.68
C CYS B 125 -15.96 36.61 -0.60
N GLY B 126 -16.60 37.62 -0.01
CA GLY B 126 -16.06 38.96 0.01
C GLY B 126 -16.13 39.61 1.38
N GLU B 127 -15.56 40.80 1.46
CA GLU B 127 -15.60 41.62 2.66
C GLU B 127 -16.94 42.31 2.84
N ASP B 128 -17.89 42.13 1.91
CA ASP B 128 -19.23 42.67 2.02
C ASP B 128 -20.21 41.68 2.63
N LYS B 129 -19.71 40.67 3.36
CA LYS B 129 -20.46 39.56 3.96
C LYS B 129 -21.01 38.60 2.91
N GLN B 130 -20.82 38.89 1.63
CA GLN B 130 -21.48 38.14 0.57
C GLN B 130 -20.75 36.85 0.26
N VAL B 131 -21.52 35.83 -0.11
CA VAL B 131 -20.98 34.56 -0.58
C VAL B 131 -21.81 34.16 -1.78
N LYS B 132 -21.19 34.10 -2.95
CA LYS B 132 -21.90 33.85 -4.20
C LYS B 132 -21.40 32.58 -4.85
N CYS B 133 -22.32 31.93 -5.57
CA CYS B 133 -22.02 30.80 -6.45
C CYS B 133 -22.22 31.26 -7.88
N TRP B 134 -21.14 31.24 -8.66
CA TRP B 134 -21.19 31.64 -10.07
C TRP B 134 -21.36 30.42 -10.95
N ASP B 135 -22.20 30.54 -11.96
CA ASP B 135 -22.33 29.51 -12.99
C ASP B 135 -21.31 29.83 -14.09
N LEU B 136 -20.34 28.94 -14.28
CA LEU B 136 -19.30 29.17 -15.28
C LEU B 136 -19.76 28.89 -16.71
N GLU B 137 -20.90 28.23 -16.90
CA GLU B 137 -21.41 28.03 -18.25
C GLU B 137 -22.09 29.28 -18.79
N TYR B 138 -22.79 30.02 -17.94
CA TYR B 138 -23.44 31.26 -18.37
C TYR B 138 -22.75 32.51 -17.83
N ASN B 139 -21.79 32.36 -16.91
CA ASN B 139 -21.03 33.48 -16.34
C ASN B 139 -21.95 34.47 -15.62
N LYS B 140 -22.65 33.95 -14.61
CA LYS B 140 -23.58 34.74 -13.82
C LYS B 140 -23.71 34.13 -12.43
N VAL B 141 -24.14 34.97 -11.48
CA VAL B 141 -24.45 34.48 -10.14
C VAL B 141 -25.81 33.79 -10.18
N ILE B 142 -25.89 32.61 -9.57
CA ILE B 142 -27.11 31.82 -9.58
C ILE B 142 -27.66 31.55 -8.19
N ARG B 143 -26.91 31.83 -7.13
CA ARG B 143 -27.46 31.76 -5.78
C ARG B 143 -26.63 32.64 -4.85
N HIS B 144 -27.25 33.04 -3.74
CA HIS B 144 -26.59 33.81 -2.71
C HIS B 144 -26.62 33.03 -1.40
N TYR B 145 -25.62 33.28 -0.55
CA TYR B 145 -25.50 32.61 0.74
C TYR B 145 -25.35 33.69 1.80
N HIS B 146 -26.47 34.08 2.40
CA HIS B 146 -26.50 35.11 3.43
C HIS B 146 -26.52 34.46 4.81
N GLY B 147 -25.92 35.16 5.78
CA GLY B 147 -25.83 34.67 7.14
C GLY B 147 -24.62 35.15 7.91
N HIS B 148 -23.50 35.41 7.24
CA HIS B 148 -22.35 35.97 7.93
C HIS B 148 -22.59 37.45 8.25
N LEU B 149 -22.17 37.87 9.43
CA LEU B 149 -22.45 39.22 9.92
C LEU B 149 -21.38 40.23 9.56
N SER B 150 -20.20 39.78 9.12
CA SER B 150 -19.16 40.69 8.69
C SER B 150 -18.36 40.00 7.61
N ALA B 151 -17.18 40.55 7.30
CA ALA B 151 -16.40 40.10 6.17
C ALA B 151 -16.15 38.60 6.24
N VAL B 152 -16.16 37.96 5.08
CA VAL B 152 -15.88 36.53 4.93
C VAL B 152 -14.44 36.41 4.44
N TYR B 153 -13.62 35.66 5.19
CA TYR B 153 -12.19 35.64 4.91
C TYR B 153 -11.77 34.49 3.99
N GLY B 154 -12.54 33.41 3.93
CA GLY B 154 -12.18 32.32 3.06
C GLY B 154 -13.34 31.37 2.84
N LEU B 155 -13.01 30.24 2.21
CA LEU B 155 -13.96 29.17 1.93
C LEU B 155 -13.20 27.88 1.64
N ASP B 156 -13.92 26.78 1.62
CA ASP B 156 -13.40 25.51 1.11
C ASP B 156 -14.57 24.62 0.75
N LEU B 157 -14.32 23.68 -0.16
CA LEU B 157 -15.32 22.71 -0.58
C LEU B 157 -14.98 21.34 -0.01
N HIS B 158 -16.01 20.63 0.40
CA HIS B 158 -15.86 19.27 0.94
C HIS B 158 -15.60 18.28 -0.21
N PRO B 159 -14.69 17.32 -0.03
CA PRO B 159 -14.31 16.45 -1.16
C PRO B 159 -15.38 15.43 -1.55
N THR B 160 -16.23 14.99 -0.62
CA THR B 160 -17.21 13.96 -0.91
C THR B 160 -18.65 14.37 -0.62
N ILE B 161 -18.88 15.27 0.33
CA ILE B 161 -20.20 15.81 0.64
C ILE B 161 -20.35 17.15 -0.07
N ASP B 162 -21.54 17.41 -0.59
CA ASP B 162 -21.79 18.66 -1.33
C ASP B 162 -22.19 19.77 -0.36
N VAL B 163 -21.19 20.28 0.37
CA VAL B 163 -21.37 21.40 1.27
C VAL B 163 -20.25 22.41 1.05
N LEU B 164 -20.55 23.67 1.33
CA LEU B 164 -19.56 24.74 1.34
C LEU B 164 -19.39 25.24 2.77
N VAL B 165 -18.14 25.49 3.17
CA VAL B 165 -17.84 26.00 4.50
C VAL B 165 -17.10 27.32 4.35
N THR B 166 -17.59 28.35 5.05
CA THR B 166 -17.05 29.70 4.98
C THR B 166 -16.58 30.12 6.37
N CYS B 167 -15.53 30.93 6.41
CA CYS B 167 -15.02 31.49 7.66
C CYS B 167 -15.00 33.00 7.56
N SER B 168 -15.32 33.67 8.66
CA SER B 168 -15.64 35.10 8.62
C SER B 168 -14.98 35.83 9.77
N ARG B 169 -14.93 37.16 9.61
CA ARG B 169 -14.45 38.05 10.66
C ARG B 169 -15.36 38.03 11.87
N ASP B 170 -16.58 37.50 11.75
CA ASP B 170 -17.58 37.51 12.82
C ASP B 170 -17.36 36.42 13.86
N SER B 171 -16.17 35.80 13.91
CA SER B 171 -15.73 34.81 14.89
C SER B 171 -16.30 33.42 14.63
N THR B 172 -17.00 33.19 13.52
CA THR B 172 -17.61 31.91 13.26
C THR B 172 -17.25 31.41 11.88
N ALA B 173 -17.49 30.12 11.69
CA ALA B 173 -17.54 29.49 10.39
C ALA B 173 -18.97 29.03 10.13
N ARG B 174 -19.35 28.97 8.87
CA ARG B 174 -20.69 28.51 8.51
C ARG B 174 -20.61 27.44 7.44
N ILE B 175 -21.46 26.42 7.58
CA ILE B 175 -21.57 25.35 6.61
C ILE B 175 -22.79 25.60 5.75
N TRP B 176 -22.61 25.55 4.44
CA TRP B 176 -23.68 25.81 3.49
C TRP B 176 -23.92 24.56 2.65
N ASP B 177 -25.19 24.19 2.50
CA ASP B 177 -25.58 23.15 1.58
C ASP B 177 -25.56 23.71 0.15
N VAL B 178 -24.75 23.12 -0.71
CA VAL B 178 -24.72 23.61 -2.09
C VAL B 178 -25.55 22.72 -3.00
N ARG B 179 -26.86 23.00 -3.04
CA ARG B 179 -27.82 22.34 -3.93
C ARG B 179 -29.23 22.80 -3.59
N SER B 183 -27.74 27.42 4.89
CA SER B 183 -26.81 27.37 6.03
C SER B 183 -27.19 26.22 6.96
N VAL B 184 -26.54 25.06 6.79
CA VAL B 184 -26.91 23.90 7.59
C VAL B 184 -26.44 24.06 9.04
N HIS B 185 -25.28 24.68 9.25
CA HIS B 185 -24.73 24.86 10.59
C HIS B 185 -24.00 26.20 10.69
N THR B 186 -23.78 26.63 11.92
CA THR B 186 -22.94 27.77 12.24
C THR B 186 -21.93 27.30 13.28
N LEU B 187 -20.66 27.21 12.90
CA LEU B 187 -19.63 26.70 13.78
C LEU B 187 -19.14 27.82 14.68
N SER B 188 -19.44 27.70 15.98
CA SER B 188 -19.07 28.69 16.98
C SER B 188 -18.01 28.14 17.93
N GLY B 189 -17.29 29.05 18.56
CA GLY B 189 -16.28 28.68 19.53
C GLY B 189 -15.04 29.54 19.47
N HIS B 190 -14.69 30.02 18.27
CA HIS B 190 -13.57 30.96 18.16
C HIS B 190 -13.96 32.28 18.79
N THR B 191 -12.99 32.93 19.42
CA THR B 191 -13.20 34.21 20.09
C THR B 191 -12.64 35.37 19.29
N ASN B 192 -12.29 35.14 18.04
CA ASN B 192 -11.78 36.19 17.17
C ASN B 192 -11.98 35.71 15.74
N ALA B 193 -11.54 36.54 14.79
CA ALA B 193 -11.79 36.28 13.37
C ALA B 193 -11.25 34.92 12.97
N VAL B 194 -12.09 34.14 12.30
CA VAL B 194 -11.67 32.86 11.71
C VAL B 194 -11.13 33.16 10.32
N ALA B 195 -9.82 32.97 10.13
CA ALA B 195 -9.14 33.42 8.92
C ALA B 195 -9.15 32.38 7.81
N THR B 196 -9.17 31.08 8.13
CA THR B 196 -8.99 30.04 7.13
C THR B 196 -9.75 28.79 7.57
N VAL B 197 -10.12 27.97 6.59
CA VAL B 197 -10.92 26.78 6.81
C VAL B 197 -10.54 25.72 5.79
N ARG B 198 -10.52 24.46 6.23
CA ARG B 198 -10.15 23.33 5.39
C ARG B 198 -11.09 22.16 5.64
N CYS B 199 -11.33 21.37 4.59
CA CYS B 199 -12.26 20.25 4.63
C CYS B 199 -11.58 18.96 4.21
N GLN B 200 -12.01 17.85 4.83
CA GLN B 200 -11.51 16.53 4.48
C GLN B 200 -12.60 15.50 4.75
N ALA B 201 -12.52 14.37 4.06
CA ALA B 201 -13.57 13.36 4.18
C ALA B 201 -13.50 12.65 5.53
N ALA B 202 -12.31 12.32 5.99
CA ALA B 202 -12.17 11.66 7.28
C ALA B 202 -12.39 12.64 8.41
N GLU B 203 -12.63 12.09 9.59
CA GLU B 203 -12.83 12.91 10.78
C GLU B 203 -11.49 13.38 11.34
N PRO B 204 -11.41 14.63 11.84
CA PRO B 204 -12.44 15.67 11.85
C PRO B 204 -12.60 16.32 10.47
N GLN B 205 -13.85 16.45 10.01
CA GLN B 205 -14.10 16.86 8.64
C GLN B 205 -13.82 18.33 8.40
N ILE B 206 -13.83 19.16 9.44
CA ILE B 206 -13.65 20.60 9.29
C ILE B 206 -12.56 21.07 10.25
N ILE B 207 -11.67 21.93 9.75
CA ILE B 207 -10.56 22.48 10.52
C ILE B 207 -10.49 23.98 10.24
N THR B 208 -10.40 24.78 11.31
CA THR B 208 -10.38 26.22 11.18
C THR B 208 -9.17 26.81 11.90
N GLY B 209 -8.63 27.89 11.33
CA GLY B 209 -7.58 28.66 11.97
C GLY B 209 -8.05 30.07 12.28
N SER B 210 -7.85 30.54 13.50
CA SER B 210 -8.42 31.80 13.92
C SER B 210 -7.36 32.75 14.47
N HIS B 211 -7.73 34.03 14.54
CA HIS B 211 -6.86 35.04 15.11
C HIS B 211 -6.79 34.97 16.62
N ASP B 212 -7.52 34.07 17.25
CA ASP B 212 -7.39 33.84 18.68
C ASP B 212 -6.22 32.91 19.01
N THR B 213 -5.33 32.67 18.03
CA THR B 213 -4.14 31.83 18.10
C THR B 213 -4.45 30.34 18.13
N THR B 214 -5.70 29.94 17.94
CA THR B 214 -6.09 28.54 18.13
C THR B 214 -6.54 27.90 16.81
N ILE B 215 -6.35 26.59 16.73
CA ILE B 215 -6.95 25.72 15.71
C ILE B 215 -8.07 24.94 16.38
N ARG B 216 -9.10 24.61 15.62
CA ARG B 216 -10.21 23.82 16.14
C ARG B 216 -10.57 22.71 15.16
N LEU B 217 -10.63 21.48 15.68
CA LEU B 217 -11.08 20.33 14.93
C LEU B 217 -12.54 20.09 15.26
N TRP B 218 -13.38 20.02 14.22
CA TRP B 218 -14.83 20.07 14.37
C TRP B 218 -15.46 18.72 14.09
N ASP B 219 -16.62 18.50 14.70
CA ASP B 219 -17.54 17.45 14.30
C ASP B 219 -18.52 18.05 13.31
N LEU B 220 -18.36 17.71 12.02
CA LEU B 220 -19.27 18.24 11.01
C LEU B 220 -20.70 17.79 11.26
N VAL B 221 -20.88 16.54 11.71
CA VAL B 221 -22.24 16.03 11.94
C VAL B 221 -22.93 16.80 13.05
N ALA B 222 -22.22 17.11 14.13
CA ALA B 222 -22.82 17.80 15.27
C ALA B 222 -22.77 19.31 15.14
N GLY B 223 -21.77 19.85 14.44
CA GLY B 223 -21.58 21.29 14.41
C GLY B 223 -20.85 21.83 15.62
N LYS B 224 -20.06 21.01 16.30
CA LYS B 224 -19.37 21.37 17.52
C LYS B 224 -17.87 21.14 17.36
N THR B 225 -17.10 21.72 18.27
CA THR B 225 -15.66 21.50 18.32
C THR B 225 -15.33 20.23 19.09
N ARG B 226 -14.40 19.44 18.55
CA ARG B 226 -13.84 18.30 19.26
C ARG B 226 -12.61 18.71 20.08
N VAL B 227 -11.63 19.30 19.42
CA VAL B 227 -10.38 19.69 20.05
C VAL B 227 -10.06 21.13 19.67
N THR B 228 -9.50 21.87 20.61
CA THR B 228 -8.93 23.18 20.35
C THR B 228 -7.42 23.08 20.53
N LEU B 229 -6.67 23.35 19.47
CA LEU B 229 -5.22 23.30 19.53
C LEU B 229 -4.70 24.68 19.91
N THR B 230 -3.97 24.76 21.02
CA THR B 230 -3.63 26.03 21.64
C THR B 230 -2.13 26.32 21.63
N ASN B 231 -1.35 25.58 20.82
CA ASN B 231 0.10 25.71 20.91
C ASN B 231 0.61 27.03 20.33
N HIS B 232 -0.10 27.59 19.35
CA HIS B 232 0.34 28.86 18.78
C HIS B 232 0.18 29.99 19.78
N LYS B 233 1.18 30.85 19.86
CA LYS B 233 1.12 32.01 20.74
C LYS B 233 0.75 33.29 19.99
N LYS B 234 0.74 33.27 18.67
CA LYS B 234 0.22 34.37 17.86
C LYS B 234 -0.90 33.86 16.97
N SER B 235 -1.54 34.79 16.26
CA SER B 235 -2.73 34.47 15.47
C SER B 235 -2.37 33.55 14.30
N VAL B 236 -3.31 32.64 13.99
CA VAL B 236 -3.17 31.71 12.88
C VAL B 236 -3.99 32.21 11.70
N ARG B 237 -3.35 32.33 10.55
CA ARG B 237 -4.01 32.83 9.36
C ARG B 237 -4.05 31.83 8.21
N ALA B 238 -3.44 30.66 8.36
CA ALA B 238 -3.35 29.70 7.28
C ALA B 238 -3.33 28.29 7.85
N VAL B 239 -4.03 27.39 7.17
CA VAL B 239 -4.04 25.97 7.51
C VAL B 239 -3.96 25.19 6.20
N VAL B 240 -3.07 24.20 6.15
CA VAL B 240 -2.92 23.33 4.99
C VAL B 240 -3.02 21.88 5.45
N LEU B 241 -3.68 21.05 4.65
CA LEU B 241 -3.74 19.61 4.88
C LEU B 241 -2.82 18.89 3.89
N HIS B 242 -2.11 17.87 4.37
CA HIS B 242 -1.25 17.09 3.49
C HIS B 242 -2.09 16.15 2.64
N PRO B 243 -1.87 16.11 1.32
CA PRO B 243 -2.76 15.30 0.46
C PRO B 243 -2.68 13.82 0.71
N ARG B 244 -1.52 13.30 1.09
CA ARG B 244 -1.32 11.86 1.29
C ARG B 244 -1.38 11.46 2.76
N HIS B 245 -0.54 12.08 3.59
CA HIS B 245 -0.42 11.72 4.99
C HIS B 245 -1.64 12.21 5.79
N TYR B 246 -1.77 11.68 7.00
CA TYR B 246 -2.81 12.06 7.95
C TYR B 246 -2.32 13.18 8.86
N THR B 247 -1.76 14.22 8.24
CA THR B 247 -1.05 15.28 8.93
C THR B 247 -1.42 16.61 8.30
N PHE B 248 -1.17 17.70 9.02
CA PHE B 248 -1.48 19.03 8.54
C PHE B 248 -0.61 20.05 9.25
N ALA B 249 -0.66 21.29 8.75
CA ALA B 249 0.18 22.37 9.25
C ALA B 249 -0.63 23.64 9.40
N SER B 250 -0.19 24.50 10.32
CA SER B 250 -0.83 25.79 10.59
C SER B 250 0.23 26.87 10.69
N GLY B 251 -0.09 28.05 10.16
CA GLY B 251 0.87 29.13 10.02
C GLY B 251 0.56 30.30 10.96
N SER B 252 1.62 30.76 11.64
CA SER B 252 1.56 31.95 12.46
C SER B 252 2.94 32.60 12.41
N PRO B 253 3.05 33.88 12.79
CA PRO B 253 4.36 34.54 12.72
C PRO B 253 5.41 33.96 13.65
N ASP B 254 5.02 33.25 14.70
CA ASP B 254 6.00 32.65 15.59
C ASP B 254 6.49 31.30 15.06
N ASN B 255 5.58 30.47 14.53
CA ASN B 255 5.97 29.15 14.07
C ASN B 255 4.93 28.60 13.10
N ILE B 256 5.39 27.70 12.23
CA ILE B 256 4.54 26.80 11.46
C ILE B 256 4.56 25.46 12.16
N LYS B 257 3.42 25.00 12.64
CA LYS B 257 3.34 23.76 13.40
C LYS B 257 2.77 22.64 12.56
N GLN B 258 3.16 21.41 12.87
CA GLN B 258 2.68 20.22 12.20
C GLN B 258 1.98 19.31 13.21
N TRP B 259 0.80 18.81 12.85
CA TRP B 259 -0.04 18.05 13.77
C TRP B 259 -0.59 16.81 13.07
N LYS B 260 -0.79 15.75 13.84
CA LYS B 260 -1.33 14.50 13.32
C LYS B 260 -2.83 14.43 13.56
N PHE B 261 -3.57 14.11 12.51
CA PHE B 261 -4.99 13.82 12.64
C PHE B 261 -5.18 12.53 13.44
N PRO B 262 -6.37 12.32 14.02
CA PRO B 262 -7.56 13.17 14.03
C PRO B 262 -7.69 14.04 15.27
N ASP B 263 -6.80 13.83 16.24
CA ASP B 263 -6.88 14.56 17.51
C ASP B 263 -5.99 15.79 17.55
N GLY B 264 -5.16 16.02 16.55
CA GLY B 264 -4.29 17.18 16.54
C GLY B 264 -3.21 17.12 17.61
N SER B 265 -2.36 16.12 17.55
CA SER B 265 -1.23 16.00 18.46
C SER B 265 0.02 16.58 17.79
N PHE B 266 0.73 17.43 18.53
CA PHE B 266 1.83 18.21 17.96
C PHE B 266 2.98 17.30 17.53
N ILE B 267 3.57 17.64 16.37
CA ILE B 267 4.71 16.88 15.86
C ILE B 267 5.97 17.71 16.01
N GLN B 268 6.01 18.87 15.36
CA GLN B 268 7.24 19.66 15.34
C GLN B 268 6.94 21.09 14.91
N ASN B 269 7.77 22.01 15.38
CA ASN B 269 7.73 23.38 14.92
C ASN B 269 8.61 23.53 13.68
N LEU B 270 8.13 24.30 12.72
CA LEU B 270 8.95 24.74 11.58
C LEU B 270 9.17 26.23 11.77
N SER B 271 10.37 26.62 12.19
N SER B 271 10.37 26.63 12.19
CA SER B 271 10.69 27.99 12.54
CA SER B 271 10.67 28.00 12.54
C SER B 271 11.54 28.64 11.46
C SER B 271 11.54 28.65 11.47
N GLY B 272 11.63 29.97 11.52
CA GLY B 272 12.45 30.70 10.59
C GLY B 272 11.72 31.79 9.83
N HIS B 273 10.47 31.54 9.43
CA HIS B 273 9.67 32.53 8.69
C HIS B 273 9.00 33.45 9.70
N ASN B 274 9.77 34.39 10.23
CA ASN B 274 9.28 35.29 11.27
C ASN B 274 8.67 36.53 10.61
N ALA B 275 7.54 36.28 9.94
CA ALA B 275 6.74 37.31 9.29
C ALA B 275 5.28 36.90 9.38
N ILE B 276 4.40 37.74 8.84
CA ILE B 276 2.96 37.47 8.86
C ILE B 276 2.68 36.46 7.74
N ILE B 277 2.47 35.20 8.11
CA ILE B 277 2.19 34.15 7.15
C ILE B 277 0.72 34.23 6.76
N ASN B 278 0.46 34.37 5.47
CA ASN B 278 -0.92 34.41 4.98
C ASN B 278 -1.38 33.11 4.36
N THR B 279 -0.46 32.24 3.95
CA THR B 279 -0.84 31.08 3.15
C THR B 279 0.15 29.94 3.37
N LEU B 280 -0.38 28.71 3.29
CA LEU B 280 0.37 27.47 3.40
C LEU B 280 -0.18 26.47 2.39
N THR B 281 0.70 25.82 1.64
CA THR B 281 0.31 24.84 0.66
C THR B 281 1.43 23.83 0.49
N VAL B 282 1.07 22.60 0.13
CA VAL B 282 2.03 21.53 -0.02
C VAL B 282 1.60 20.67 -1.21
N ASN B 283 2.57 20.05 -1.88
CA ASN B 283 2.30 19.09 -2.93
C ASN B 283 2.68 17.69 -2.46
N SER B 284 2.52 16.71 -3.37
CA SER B 284 2.72 15.32 -2.98
C SER B 284 4.20 15.03 -2.67
N ASP B 285 5.12 15.77 -3.30
CA ASP B 285 6.55 15.57 -3.07
C ASP B 285 7.01 16.03 -1.68
N GLY B 286 6.20 16.79 -0.96
CA GLY B 286 6.59 17.30 0.33
C GLY B 286 7.02 18.74 0.35
N VAL B 287 6.90 19.45 -0.76
CA VAL B 287 7.34 20.83 -0.84
C VAL B 287 6.22 21.70 -0.28
N LEU B 288 6.44 22.25 0.89
CA LEU B 288 5.52 23.18 1.54
C LEU B 288 5.97 24.59 1.25
N VAL B 289 5.03 25.44 0.88
CA VAL B 289 5.29 26.84 0.56
C VAL B 289 4.56 27.71 1.57
N SER B 290 5.25 28.70 2.12
CA SER B 290 4.64 29.69 3.01
C SER B 290 4.97 31.08 2.48
N GLY B 291 3.94 31.87 2.20
CA GLY B 291 4.09 33.23 1.74
C GLY B 291 3.71 34.20 2.84
N ALA B 292 4.47 35.28 2.95
CA ALA B 292 4.32 36.22 4.05
C ALA B 292 3.88 37.60 3.58
N ASP B 293 3.43 38.41 4.53
CA ASP B 293 2.91 39.74 4.22
C ASP B 293 3.99 40.70 3.73
N ASN B 294 5.26 40.41 4.00
CA ASN B 294 6.36 41.23 3.54
C ASN B 294 6.91 40.79 2.19
N GLY B 295 6.30 39.80 1.55
CA GLY B 295 6.73 39.33 0.24
C GLY B 295 7.69 38.17 0.25
N THR B 296 8.12 37.68 1.42
CA THR B 296 9.04 36.56 1.45
C THR B 296 8.28 35.25 1.32
N MET B 297 8.94 34.27 0.71
CA MET B 297 8.39 32.94 0.53
C MET B 297 9.41 31.92 1.03
N HIS B 298 8.96 31.04 1.93
CA HIS B 298 9.80 29.98 2.47
C HIS B 298 9.31 28.64 1.94
N LEU B 299 10.23 27.86 1.37
CA LEU B 299 9.94 26.55 0.81
C LEU B 299 10.55 25.49 1.71
N TRP B 300 9.75 24.50 2.11
CA TRP B 300 10.18 23.53 3.10
C TRP B 300 9.97 22.11 2.59
N ASP B 301 10.74 21.18 3.16
CA ASP B 301 10.43 19.76 3.05
C ASP B 301 9.50 19.39 4.20
N TRP B 302 8.39 18.75 3.87
CA TRP B 302 7.36 18.49 4.86
C TRP B 302 7.86 17.55 5.97
N ARG B 303 8.50 16.45 5.59
CA ARG B 303 8.86 15.44 6.58
C ARG B 303 9.97 15.94 7.51
N THR B 304 11.10 16.35 6.94
CA THR B 304 12.23 16.78 7.76
C THR B 304 12.01 18.16 8.35
N GLY B 305 11.27 19.03 7.66
CA GLY B 305 11.05 20.38 8.15
C GLY B 305 12.13 21.37 7.80
N TYR B 306 13.06 21.02 6.90
CA TYR B 306 14.14 21.93 6.55
C TYR B 306 13.66 22.94 5.53
N ASN B 307 13.97 24.21 5.79
CA ASN B 307 13.64 25.32 4.90
C ASN B 307 14.71 25.40 3.84
N PHE B 308 14.47 24.76 2.69
CA PHE B 308 15.51 24.56 1.70
C PHE B 308 15.64 25.70 0.70
N GLN B 309 14.75 26.69 0.73
CA GLN B 309 14.86 27.83 -0.17
C GLN B 309 14.10 29.01 0.44
N ARG B 310 14.58 30.21 0.13
CA ARG B 310 13.94 31.44 0.59
C ARG B 310 13.88 32.40 -0.59
N VAL B 311 12.68 32.71 -1.05
CA VAL B 311 12.46 33.65 -2.15
C VAL B 311 12.00 34.97 -1.57
N HIS B 312 12.63 36.06 -2.00
CA HIS B 312 12.31 37.40 -1.54
C HIS B 312 11.79 38.24 -2.69
N ALA B 313 11.00 39.25 -2.35
CA ALA B 313 10.49 40.20 -3.33
C ALA B 313 11.44 41.39 -3.44
N ALA B 314 11.33 42.12 -4.55
CA ALA B 314 12.15 43.29 -4.80
C ALA B 314 11.84 44.41 -3.80
N LEU B 320 7.22 51.13 -0.98
CA LEU B 320 6.25 51.04 0.11
C LEU B 320 5.86 49.59 0.39
N ASP B 321 5.57 49.30 1.66
CA ASP B 321 5.26 47.95 2.12
C ASP B 321 3.79 47.59 1.96
N SER B 322 2.96 48.47 1.41
CA SER B 322 1.65 48.06 0.94
C SER B 322 1.68 47.65 -0.52
N GLU B 323 2.82 47.83 -1.20
CA GLU B 323 2.99 47.47 -2.60
C GLU B 323 3.67 46.12 -2.76
N SER B 324 3.91 45.41 -1.67
CA SER B 324 4.53 44.10 -1.74
C SER B 324 3.92 43.23 -0.65
N GLY B 325 3.84 41.94 -0.94
CA GLY B 325 3.32 40.96 -0.02
C GLY B 325 2.77 39.77 -0.78
N ILE B 326 2.60 38.66 -0.07
CA ILE B 326 2.00 37.45 -0.63
C ILE B 326 0.76 37.11 0.19
N PHE B 327 -0.39 37.07 -0.48
CA PHE B 327 -1.66 36.78 0.18
C PHE B 327 -2.08 35.33 0.01
N ALA B 328 -1.85 34.74 -1.17
CA ALA B 328 -2.33 33.40 -1.44
C ALA B 328 -1.34 32.69 -2.33
N CYS B 329 -1.06 31.43 -2.00
N CYS B 329 -1.09 31.41 -2.03
CA CYS B 329 -0.29 30.51 -2.83
CA CYS B 329 -0.29 30.54 -2.87
C CYS B 329 -1.22 29.40 -3.31
C CYS B 329 -1.12 29.32 -3.25
N ALA B 330 -0.87 28.80 -4.45
CA ALA B 330 -1.63 27.67 -4.97
C ALA B 330 -0.81 26.91 -5.99
N PHE B 331 -0.60 25.62 -5.75
CA PHE B 331 -0.14 24.76 -6.82
C PHE B 331 -1.25 24.59 -7.85
N ASP B 332 -0.87 24.25 -9.08
CA ASP B 332 -1.87 23.77 -10.00
C ASP B 332 -1.96 22.24 -9.88
N GLN B 333 -2.96 21.66 -10.55
CA GLN B 333 -3.15 20.21 -10.46
C GLN B 333 -1.92 19.43 -10.93
N SER B 334 -1.08 20.06 -11.76
CA SER B 334 0.17 19.43 -12.17
C SER B 334 1.15 19.31 -11.00
N GLU B 335 1.04 20.19 -10.02
CA GLU B 335 2.02 20.40 -8.94
C GLU B 335 3.37 20.83 -9.48
N SER B 336 3.44 21.25 -10.75
CA SER B 336 4.67 21.72 -11.35
C SER B 336 4.80 23.23 -11.34
N ARG B 337 3.69 23.96 -11.16
CA ARG B 337 3.70 25.41 -11.07
C ARG B 337 3.17 25.85 -9.71
N LEU B 338 3.82 26.86 -9.13
CA LEU B 338 3.40 27.45 -7.87
C LEU B 338 2.94 28.88 -8.17
N LEU B 339 1.65 29.13 -7.99
CA LEU B 339 1.03 30.41 -8.33
C LEU B 339 0.66 31.15 -7.05
N THR B 340 1.05 32.42 -6.97
CA THR B 340 0.84 33.21 -5.77
C THR B 340 0.15 34.52 -6.08
N ALA B 341 -0.63 35.01 -5.11
CA ALA B 341 -1.43 36.22 -5.24
C ALA B 341 -0.75 37.32 -4.43
N GLU B 342 -0.29 38.37 -5.12
CA GLU B 342 0.60 39.37 -4.51
C GLU B 342 -0.07 40.75 -4.44
N ALA B 343 0.39 41.55 -3.47
CA ALA B 343 -0.13 42.89 -3.24
C ALA B 343 0.44 43.94 -4.20
N ASP B 344 1.34 43.57 -5.11
CA ASP B 344 1.73 44.43 -6.21
C ASP B 344 0.81 44.29 -7.41
N LYS B 345 -0.40 43.73 -7.19
CA LYS B 345 -1.43 43.59 -8.22
C LYS B 345 -1.06 42.58 -9.30
N THR B 346 -0.22 41.61 -9.00
CA THR B 346 0.19 40.62 -9.99
C THR B 346 0.10 39.21 -9.42
N ILE B 347 0.12 38.24 -10.33
CA ILE B 347 0.20 36.82 -10.01
C ILE B 347 1.57 36.31 -10.46
N LYS B 348 2.27 35.61 -9.57
CA LYS B 348 3.60 35.09 -9.85
C LYS B 348 3.52 33.59 -10.06
N VAL B 349 4.22 33.09 -11.07
CA VAL B 349 4.23 31.66 -11.38
C VAL B 349 5.66 31.16 -11.24
N TYR B 350 5.84 30.13 -10.40
CA TYR B 350 7.14 29.55 -10.11
C TYR B 350 7.18 28.11 -10.60
N ARG B 351 8.32 27.70 -11.13
CA ARG B 351 8.51 26.36 -11.65
C ARG B 351 9.81 25.78 -11.09
N GLU B 352 10.03 24.51 -11.39
N GLU B 352 10.02 24.50 -11.35
CA GLU B 352 11.28 23.86 -11.02
CA GLU B 352 11.24 23.84 -10.89
C GLU B 352 12.43 24.37 -11.88
C GLU B 352 12.38 24.10 -11.86
N GLN C 50 17.28 -5.25 -26.38
CA GLN C 50 17.57 -5.29 -27.80
C GLN C 50 18.13 -3.97 -28.31
N TRP C 51 17.58 -3.50 -29.43
CA TRP C 51 18.05 -2.26 -30.03
C TRP C 51 16.97 -1.72 -30.97
N HIS C 52 16.65 -0.44 -30.82
CA HIS C 52 15.73 0.25 -31.70
C HIS C 52 16.46 1.39 -32.38
N PRO C 53 16.35 1.54 -33.70
CA PRO C 53 16.97 2.68 -34.36
C PRO C 53 16.31 3.98 -33.91
N PRO C 54 17.07 5.07 -33.88
CA PRO C 54 16.51 6.34 -33.42
C PRO C 54 15.53 6.90 -34.43
N TRP C 55 14.70 7.83 -33.95
CA TRP C 55 13.65 8.43 -34.76
C TRP C 55 14.01 9.87 -35.10
N LYS C 56 13.64 10.30 -36.30
CA LYS C 56 14.02 11.62 -36.80
C LYS C 56 12.79 12.33 -37.35
N LEU C 57 12.79 13.65 -37.21
CA LEU C 57 11.67 14.46 -37.67
C LEU C 57 11.66 14.50 -39.21
N TYR C 58 10.55 14.06 -39.79
CA TYR C 58 10.37 13.93 -41.23
C TYR C 58 9.56 15.08 -41.83
N ARG C 59 8.45 15.42 -41.20
CA ARG C 59 7.52 16.40 -41.76
C ARG C 59 6.88 17.16 -40.62
N VAL C 60 6.50 18.40 -40.90
CA VAL C 60 5.73 19.23 -39.98
C VAL C 60 4.50 19.70 -40.74
N ILE C 61 3.32 19.40 -40.21
CA ILE C 61 2.06 19.63 -40.89
C ILE C 61 1.29 20.71 -40.16
N SER C 62 1.03 21.81 -40.85
CA SER C 62 0.36 22.97 -40.28
C SER C 62 -1.01 23.17 -40.93
N GLY C 63 -1.82 24.00 -40.27
CA GLY C 63 -3.16 24.26 -40.75
C GLY C 63 -4.15 24.51 -39.64
N HIS C 64 -3.89 23.99 -38.44
CA HIS C 64 -4.72 24.31 -37.29
C HIS C 64 -4.37 25.69 -36.76
N LEU C 65 -5.39 26.37 -36.23
CA LEU C 65 -5.20 27.69 -35.64
C LEU C 65 -5.11 27.64 -34.11
N GLY C 66 -5.05 26.44 -33.55
CA GLY C 66 -4.89 26.27 -32.12
C GLY C 66 -4.15 24.99 -31.79
N TRP C 67 -4.05 24.67 -30.50
CA TRP C 67 -3.42 23.44 -30.06
C TRP C 67 -4.10 22.23 -30.69
N VAL C 68 -3.29 21.31 -31.21
CA VAL C 68 -3.77 20.02 -31.66
C VAL C 68 -3.81 19.11 -30.44
N ARG C 69 -5.02 18.74 -30.02
CA ARG C 69 -5.23 18.02 -28.77
C ARG C 69 -5.36 16.52 -28.95
N CYS C 70 -5.67 16.05 -30.15
CA CYS C 70 -5.93 14.63 -30.35
C CYS C 70 -5.51 14.21 -31.74
N ILE C 71 -5.23 12.92 -31.87
CA ILE C 71 -4.72 12.35 -33.11
C ILE C 71 -5.06 10.87 -33.15
N ALA C 72 -5.27 10.37 -34.36
CA ALA C 72 -5.70 8.99 -34.57
C ALA C 72 -5.49 8.67 -36.03
N VAL C 73 -5.17 7.42 -36.31
CA VAL C 73 -4.92 6.98 -37.68
C VAL C 73 -6.05 6.07 -38.13
N GLU C 74 -6.49 6.27 -39.37
CA GLU C 74 -7.55 5.45 -39.92
C GLU C 74 -7.05 4.04 -40.19
N PRO C 75 -7.93 3.04 -40.11
CA PRO C 75 -7.45 1.64 -40.14
C PRO C 75 -6.74 1.27 -41.43
N GLY C 76 -7.08 1.89 -42.55
CA GLY C 76 -6.41 1.62 -43.81
C GLY C 76 -5.09 2.36 -44.03
N ASN C 77 -4.72 3.26 -43.12
CA ASN C 77 -3.45 3.96 -43.14
C ASN C 77 -3.31 4.97 -44.28
N GLN C 78 -4.41 5.45 -44.85
CA GLN C 78 -4.28 6.43 -45.93
C GLN C 78 -4.38 7.87 -45.43
N TRP C 79 -5.06 8.12 -44.31
CA TRP C 79 -5.22 9.47 -43.78
C TRP C 79 -5.26 9.40 -42.26
N PHE C 80 -5.07 10.55 -41.64
CA PHE C 80 -5.21 10.67 -40.20
C PHE C 80 -6.03 11.91 -39.87
N VAL C 81 -6.54 11.94 -38.64
CA VAL C 81 -7.47 12.98 -38.23
C VAL C 81 -6.98 13.59 -36.93
N THR C 82 -7.16 14.91 -36.80
CA THR C 82 -6.75 15.63 -35.61
C THR C 82 -7.93 16.47 -35.11
N GLY C 83 -7.81 16.92 -33.87
CA GLY C 83 -8.77 17.84 -33.31
C GLY C 83 -8.05 18.93 -32.54
N SER C 84 -8.64 20.12 -32.54
CA SER C 84 -7.92 21.34 -32.22
C SER C 84 -8.68 22.20 -31.23
N ALA C 85 -7.96 23.15 -30.63
CA ALA C 85 -8.59 24.18 -29.84
C ALA C 85 -9.29 25.23 -30.70
N ASP C 86 -9.05 25.21 -32.02
CA ASP C 86 -9.79 26.07 -32.94
C ASP C 86 -11.17 25.52 -33.28
N ARG C 87 -11.63 24.49 -32.55
CA ARG C 87 -12.97 23.89 -32.63
C ARG C 87 -13.19 23.00 -33.86
N THR C 88 -12.15 22.77 -34.67
N THR C 88 -12.15 22.77 -34.67
CA THR C 88 -12.31 22.04 -35.92
CA THR C 88 -12.31 22.04 -35.92
C THR C 88 -11.66 20.67 -35.84
C THR C 88 -11.66 20.67 -35.84
N ILE C 89 -12.12 19.77 -36.71
CA ILE C 89 -11.55 18.45 -36.88
C ILE C 89 -11.05 18.38 -38.32
N LYS C 90 -9.77 18.06 -38.49
CA LYS C 90 -9.15 18.06 -39.81
C LYS C 90 -8.66 16.67 -40.16
N ILE C 91 -8.78 16.31 -41.43
CA ILE C 91 -8.36 15.01 -41.95
C ILE C 91 -7.28 15.26 -42.99
N TRP C 92 -6.14 14.61 -42.82
CA TRP C 92 -4.97 14.83 -43.66
C TRP C 92 -4.58 13.53 -44.34
N ASP C 93 -4.19 13.62 -45.61
CA ASP C 93 -3.56 12.50 -46.29
C ASP C 93 -2.22 12.19 -45.63
N LEU C 94 -2.01 10.92 -45.26
CA LEU C 94 -0.84 10.57 -44.44
C LEU C 94 0.45 10.68 -45.23
N ALA C 95 0.42 10.29 -46.51
CA ALA C 95 1.64 10.27 -47.31
C ALA C 95 2.07 11.69 -47.70
N SER C 96 1.12 12.51 -48.15
CA SER C 96 1.42 13.88 -48.53
C SER C 96 1.47 14.82 -47.34
N GLY C 97 0.74 14.49 -46.26
CA GLY C 97 0.55 15.45 -45.20
C GLY C 97 -0.41 16.57 -45.54
N LYS C 98 -1.00 16.55 -46.74
CA LYS C 98 -1.90 17.61 -47.16
C LYS C 98 -3.29 17.43 -46.56
N LEU C 99 -3.97 18.55 -46.36
CA LEU C 99 -5.31 18.54 -45.80
C LEU C 99 -6.31 18.03 -46.82
N LYS C 100 -7.13 17.07 -46.42
CA LYS C 100 -8.22 16.58 -47.27
C LYS C 100 -9.52 17.31 -46.96
N LEU C 101 -9.92 17.33 -45.70
CA LEU C 101 -11.26 17.75 -45.31
C LEU C 101 -11.23 18.37 -43.92
N SER C 102 -12.21 19.22 -43.66
CA SER C 102 -12.36 19.92 -42.39
C SER C 102 -13.76 19.65 -41.86
N LEU C 103 -13.87 19.39 -40.56
CA LEU C 103 -15.14 19.08 -39.94
C LEU C 103 -15.47 20.08 -38.84
N THR C 104 -16.71 20.59 -38.85
CA THR C 104 -17.18 21.54 -37.86
C THR C 104 -18.47 21.04 -37.21
N GLY C 105 -18.70 21.49 -35.99
CA GLY C 105 -19.82 21.06 -35.17
C GLY C 105 -19.55 21.14 -33.68
N HIS C 106 -18.29 20.98 -33.28
CA HIS C 106 -17.94 21.22 -31.88
C HIS C 106 -17.85 22.72 -31.64
N ILE C 107 -18.40 23.15 -30.50
CA ILE C 107 -18.38 24.57 -30.15
C ILE C 107 -17.25 24.93 -29.21
N SER C 108 -16.44 23.94 -28.80
CA SER C 108 -15.30 24.15 -27.94
C SER C 108 -14.16 23.28 -28.45
N THR C 109 -13.11 23.15 -27.64
CA THR C 109 -11.93 22.41 -28.06
C THR C 109 -12.25 20.93 -28.26
N VAL C 110 -11.81 20.39 -29.39
CA VAL C 110 -11.93 18.96 -29.66
C VAL C 110 -10.80 18.26 -28.92
N ARG C 111 -11.15 17.33 -28.02
CA ARG C 111 -10.18 16.67 -27.16
C ARG C 111 -9.89 15.23 -27.54
N GLY C 112 -10.70 14.63 -28.41
CA GLY C 112 -10.46 13.24 -28.75
C GLY C 112 -11.14 12.77 -30.01
N VAL C 113 -10.47 11.93 -30.79
CA VAL C 113 -11.03 11.35 -31.99
C VAL C 113 -10.60 9.89 -32.10
N ILE C 114 -11.38 9.11 -32.87
CA ILE C 114 -11.09 7.70 -33.13
C ILE C 114 -11.87 7.29 -34.37
N VAL C 115 -11.25 6.46 -35.20
CA VAL C 115 -11.86 6.00 -36.44
C VAL C 115 -12.39 4.58 -36.24
N SER C 116 -13.66 4.37 -36.57
CA SER C 116 -14.27 3.07 -36.37
C SER C 116 -13.70 2.04 -37.34
N THR C 117 -13.50 0.82 -36.84
CA THR C 117 -13.06 -0.28 -37.68
C THR C 117 -14.22 -1.08 -38.25
N ARG C 118 -15.34 -1.14 -37.54
CA ARG C 118 -16.53 -1.85 -38.00
C ARG C 118 -17.53 -0.95 -38.69
N SER C 119 -17.09 0.20 -39.20
CA SER C 119 -17.99 1.19 -39.77
C SER C 119 -17.15 2.29 -40.42
N PRO C 120 -17.76 3.10 -41.34
CA PRO C 120 -17.12 4.33 -41.82
C PRO C 120 -17.43 5.54 -40.95
N TYR C 121 -17.30 5.37 -39.63
CA TYR C 121 -17.65 6.40 -38.68
C TYR C 121 -16.40 6.95 -38.01
N LEU C 122 -16.53 8.19 -37.54
CA LEU C 122 -15.49 8.86 -36.78
C LEU C 122 -16.13 9.45 -35.55
N PHE C 123 -15.50 9.24 -34.40
CA PHE C 123 -16.06 9.68 -33.12
C PHE C 123 -15.20 10.82 -32.58
N SER C 124 -15.86 11.81 -32.00
CA SER C 124 -15.20 13.00 -31.51
C SER C 124 -15.81 13.38 -30.18
N CYS C 125 -14.97 13.92 -29.29
CA CYS C 125 -15.43 14.41 -28.00
C CYS C 125 -14.73 15.72 -27.74
N GLY C 126 -15.41 16.63 -27.04
CA GLY C 126 -14.90 17.97 -26.86
C GLY C 126 -15.15 18.50 -25.46
N GLU C 127 -14.50 19.63 -25.17
CA GLU C 127 -14.68 20.37 -23.93
C GLU C 127 -16.05 21.01 -23.81
N ASP C 128 -16.88 20.88 -24.85
CA ASP C 128 -18.25 21.38 -24.86
C ASP C 128 -19.28 20.33 -24.46
N LYS C 129 -18.86 19.30 -23.72
CA LYS C 129 -19.71 18.20 -23.25
C LYS C 129 -20.20 17.33 -24.41
N GLN C 130 -19.90 17.72 -25.65
CA GLN C 130 -20.46 17.05 -26.81
C GLN C 130 -19.62 15.84 -27.21
N VAL C 131 -20.31 14.83 -27.71
CA VAL C 131 -19.70 13.59 -28.19
C VAL C 131 -20.46 13.17 -29.43
N LYS C 132 -19.79 13.20 -30.58
CA LYS C 132 -20.46 13.05 -31.86
C LYS C 132 -19.95 11.84 -32.61
N CYS C 133 -20.84 11.21 -33.38
CA CYS C 133 -20.49 10.22 -34.38
C CYS C 133 -20.63 10.86 -35.76
N TRP C 134 -19.50 11.01 -36.45
CA TRP C 134 -19.49 11.49 -37.81
C TRP C 134 -19.51 10.31 -38.77
N ASP C 135 -20.30 10.43 -39.83
CA ASP C 135 -20.33 9.45 -40.92
C ASP C 135 -19.44 10.00 -42.02
N LEU C 136 -18.32 9.32 -42.28
CA LEU C 136 -17.35 9.82 -43.25
C LEU C 136 -17.78 9.56 -44.69
N GLU C 137 -18.80 8.74 -44.93
CA GLU C 137 -19.36 8.62 -46.28
C GLU C 137 -20.11 9.88 -46.66
N TYR C 138 -20.81 10.50 -45.72
CA TYR C 138 -21.53 11.74 -45.95
C TYR C 138 -20.86 12.94 -45.30
N ASN C 139 -19.89 12.71 -44.41
CA ASN C 139 -19.05 13.75 -43.82
C ASN C 139 -19.88 14.78 -43.04
N LYS C 140 -20.69 14.27 -42.11
CA LYS C 140 -21.44 15.10 -41.19
C LYS C 140 -21.86 14.25 -40.00
N VAL C 141 -22.24 14.94 -38.93
CA VAL C 141 -22.65 14.25 -37.70
C VAL C 141 -23.97 13.54 -37.94
N ILE C 142 -24.05 12.28 -37.53
CA ILE C 142 -25.27 11.50 -37.65
C ILE C 142 -25.84 11.07 -36.30
N ARG C 143 -25.10 11.24 -35.20
CA ARG C 143 -25.64 10.92 -33.89
C ARG C 143 -24.96 11.79 -32.84
N HIS C 144 -25.66 12.00 -31.73
CA HIS C 144 -25.13 12.70 -30.57
C HIS C 144 -25.16 11.75 -29.38
N TYR C 145 -24.29 12.00 -28.42
CA TYR C 145 -24.19 11.17 -27.22
C TYR C 145 -24.13 12.11 -26.02
N HIS C 146 -25.29 12.34 -25.40
CA HIS C 146 -25.43 13.30 -24.32
C HIS C 146 -25.44 12.58 -22.98
N GLY C 147 -24.92 13.25 -21.97
CA GLY C 147 -24.90 12.69 -20.63
C GLY C 147 -23.76 13.13 -19.73
N HIS C 148 -22.60 13.47 -20.29
CA HIS C 148 -21.53 13.99 -19.45
C HIS C 148 -21.87 15.40 -18.98
N LEU C 149 -21.38 15.75 -17.80
CA LEU C 149 -21.74 17.02 -17.17
C LEU C 149 -20.69 18.09 -17.35
N SER C 150 -19.51 17.76 -17.86
CA SER C 150 -18.46 18.73 -18.12
C SER C 150 -17.62 18.22 -19.28
N ALA C 151 -16.44 18.82 -19.46
CA ALA C 151 -15.60 18.52 -20.62
C ALA C 151 -15.27 17.04 -20.71
N VAL C 152 -15.24 16.54 -21.95
CA VAL C 152 -14.89 15.16 -22.26
C VAL C 152 -13.43 15.15 -22.74
N TYR C 153 -12.58 14.41 -22.05
CA TYR C 153 -11.15 14.51 -22.30
C TYR C 153 -10.61 13.47 -23.28
N GLY C 154 -11.36 12.42 -23.58
CA GLY C 154 -10.87 11.43 -24.53
C GLY C 154 -11.94 10.40 -24.80
N LEU C 155 -11.53 9.36 -25.54
CA LEU C 155 -12.46 8.32 -25.97
C LEU C 155 -11.68 7.06 -26.37
N ASP C 156 -12.38 5.92 -26.36
CA ASP C 156 -11.84 4.70 -26.92
C ASP C 156 -12.98 3.88 -27.49
N LEU C 157 -12.67 3.04 -28.48
CA LEU C 157 -13.63 2.10 -29.05
C LEU C 157 -13.25 0.69 -28.62
N HIS C 158 -14.25 -0.12 -28.35
CA HIS C 158 -14.02 -1.48 -27.87
C HIS C 158 -13.75 -2.42 -29.05
N PRO C 159 -12.77 -3.31 -28.93
CA PRO C 159 -12.35 -4.11 -30.10
C PRO C 159 -13.32 -5.21 -30.50
N THR C 160 -14.17 -5.68 -29.59
CA THR C 160 -15.12 -6.75 -29.92
C THR C 160 -16.57 -6.38 -29.73
N ILE C 161 -16.87 -5.43 -28.84
CA ILE C 161 -18.22 -4.94 -28.63
C ILE C 161 -18.39 -3.63 -29.38
N ASP C 162 -19.59 -3.38 -29.88
CA ASP C 162 -19.88 -2.13 -30.59
C ASP C 162 -20.30 -1.03 -29.60
N VAL C 163 -19.38 -0.72 -28.69
CA VAL C 163 -19.60 0.34 -27.71
C VAL C 163 -18.48 1.35 -27.79
N LEU C 164 -18.83 2.59 -27.45
CA LEU C 164 -17.88 3.67 -27.26
C LEU C 164 -17.82 3.99 -25.77
N VAL C 165 -16.62 4.18 -25.25
CA VAL C 165 -16.43 4.62 -23.87
C VAL C 165 -15.74 5.97 -23.89
N THR C 166 -16.29 6.93 -23.16
CA THR C 166 -15.72 8.27 -23.06
C THR C 166 -15.33 8.53 -21.61
N CYS C 167 -14.30 9.35 -21.44
CA CYS C 167 -13.87 9.79 -20.11
C CYS C 167 -13.93 11.31 -20.07
N SER C 168 -14.39 11.85 -18.95
CA SER C 168 -14.70 13.27 -18.85
C SER C 168 -14.07 13.90 -17.61
N ARG C 169 -14.09 15.24 -17.60
CA ARG C 169 -13.62 16.01 -16.46
C ARG C 169 -14.60 15.96 -15.30
N ASP C 170 -15.82 15.49 -15.53
CA ASP C 170 -16.82 15.43 -14.48
C ASP C 170 -16.58 14.22 -13.58
N SER C 171 -15.39 13.64 -13.68
CA SER C 171 -14.91 12.54 -12.86
C SER C 171 -15.56 11.20 -13.21
N THR C 172 -16.24 11.11 -14.34
CA THR C 172 -16.86 9.86 -14.74
C THR C 172 -16.42 9.44 -16.13
N ALA C 173 -16.50 8.15 -16.38
CA ALA C 173 -16.42 7.58 -17.72
C ALA C 173 -17.79 7.02 -18.08
N ARG C 174 -18.13 7.06 -19.36
CA ARG C 174 -19.45 6.61 -19.82
C ARG C 174 -19.30 5.71 -21.03
N ILE C 175 -20.09 4.64 -21.04
CA ILE C 175 -20.16 3.71 -22.15
C ILE C 175 -21.33 4.11 -23.03
N TRP C 176 -21.15 4.04 -24.33
CA TRP C 176 -22.20 4.39 -25.28
C TRP C 176 -22.34 3.24 -26.27
N ASP C 177 -23.57 2.74 -26.42
CA ASP C 177 -23.83 1.78 -27.48
C ASP C 177 -23.72 2.47 -28.84
N VAL C 178 -23.03 1.83 -29.77
CA VAL C 178 -22.94 2.40 -31.10
C VAL C 178 -23.61 1.47 -32.11
N SER C 183 -26.63 5.69 -23.24
CA SER C 183 -25.56 5.54 -22.28
C SER C 183 -25.90 4.35 -21.38
N VAL C 184 -25.19 3.23 -21.60
CA VAL C 184 -25.52 2.01 -20.88
C VAL C 184 -25.05 2.09 -19.44
N HIS C 185 -23.88 2.66 -19.21
CA HIS C 185 -23.30 2.76 -17.87
C HIS C 185 -22.63 4.11 -17.70
N THR C 186 -22.51 4.52 -16.44
CA THR C 186 -21.70 5.69 -16.07
C THR C 186 -20.73 5.23 -15.00
N LEU C 187 -19.46 5.08 -15.36
CA LEU C 187 -18.45 4.54 -14.47
C LEU C 187 -18.02 5.62 -13.48
N SER C 188 -18.47 5.49 -12.23
CA SER C 188 -18.16 6.45 -11.18
C SER C 188 -17.17 5.86 -10.20
N GLY C 189 -16.48 6.75 -9.48
CA GLY C 189 -15.52 6.32 -8.49
C GLY C 189 -14.31 7.22 -8.42
N HIS C 190 -13.88 7.74 -9.57
CA HIS C 190 -12.80 8.72 -9.57
C HIS C 190 -13.27 9.99 -8.87
N THR C 191 -12.38 10.57 -8.07
CA THR C 191 -12.71 11.75 -7.28
C THR C 191 -12.25 13.04 -7.92
N ASN C 192 -11.76 12.97 -9.15
CA ASN C 192 -11.36 14.15 -9.91
C ASN C 192 -11.46 13.79 -11.39
N ALA C 193 -11.02 14.71 -12.24
CA ALA C 193 -11.16 14.55 -13.69
C ALA C 193 -10.53 13.25 -14.17
N VAL C 194 -11.23 12.57 -15.06
CA VAL C 194 -10.69 11.39 -15.73
C VAL C 194 -10.06 11.86 -17.03
N ALA C 195 -8.75 11.69 -17.16
CA ALA C 195 -7.98 12.27 -18.25
C ALA C 195 -7.86 11.34 -19.46
N THR C 196 -7.92 10.03 -19.25
CA THR C 196 -7.71 9.10 -20.35
C THR C 196 -8.43 7.80 -20.04
N VAL C 197 -8.79 7.08 -21.11
CA VAL C 197 -9.52 5.82 -21.00
C VAL C 197 -9.09 4.90 -22.13
N ARG C 198 -8.91 3.62 -21.79
CA ARG C 198 -8.49 2.58 -22.72
C ARG C 198 -9.43 1.39 -22.60
N CYS C 199 -9.56 0.64 -23.70
CA CYS C 199 -10.43 -0.52 -23.77
C CYS C 199 -9.70 -1.70 -24.39
N GLN C 200 -10.03 -2.90 -23.92
CA GLN C 200 -9.45 -4.13 -24.42
C GLN C 200 -10.49 -5.23 -24.34
N ALA C 201 -10.29 -6.28 -25.13
CA ALA C 201 -11.29 -7.34 -25.23
C ALA C 201 -11.35 -8.16 -23.94
N ALA C 202 -10.19 -8.55 -23.40
CA ALA C 202 -10.16 -9.37 -22.20
C ALA C 202 -10.33 -8.51 -20.95
N GLU C 203 -10.69 -9.17 -19.85
CA GLU C 203 -10.82 -8.47 -18.59
C GLU C 203 -9.44 -8.01 -18.10
N PRO C 204 -9.34 -6.83 -17.48
CA PRO C 204 -10.44 -5.88 -17.32
C PRO C 204 -10.64 -5.09 -18.60
N GLN C 205 -11.89 -4.94 -19.03
CA GLN C 205 -12.12 -4.41 -20.35
C GLN C 205 -11.89 -2.90 -20.43
N ILE C 206 -12.01 -2.18 -19.31
CA ILE C 206 -11.91 -0.73 -19.32
C ILE C 206 -10.87 -0.29 -18.30
N ILE C 207 -10.04 0.68 -18.68
CA ILE C 207 -8.99 1.21 -17.83
C ILE C 207 -8.97 2.73 -17.96
N THR C 208 -8.98 3.43 -16.82
CA THR C 208 -9.00 4.88 -16.79
C THR C 208 -7.87 5.42 -15.93
N GLY C 209 -7.38 6.61 -16.30
CA GLY C 209 -6.42 7.34 -15.49
C GLY C 209 -6.94 8.72 -15.12
N SER C 210 -6.87 9.09 -13.84
CA SER C 210 -7.51 10.31 -13.37
C SER C 210 -6.53 11.21 -12.63
N HIS C 211 -6.94 12.48 -12.49
CA HIS C 211 -6.16 13.47 -11.78
C HIS C 211 -6.18 13.26 -10.28
N ASP C 212 -6.95 12.29 -9.79
CA ASP C 212 -6.88 11.86 -8.41
C ASP C 212 -5.71 10.92 -8.15
N THR C 213 -4.76 10.86 -9.09
CA THR C 213 -3.53 10.08 -9.03
C THR C 213 -3.75 8.57 -9.15
N THR C 214 -4.98 8.13 -9.40
CA THR C 214 -5.29 6.70 -9.39
C THR C 214 -5.52 6.17 -10.80
N ILE C 215 -5.20 4.89 -10.96
CA ILE C 215 -5.64 4.08 -12.09
C ILE C 215 -6.83 3.26 -11.60
N ARG C 216 -7.76 2.96 -12.50
CA ARG C 216 -8.91 2.15 -12.15
C ARG C 216 -9.16 1.10 -13.22
N LEU C 217 -9.23 -0.16 -12.79
CA LEU C 217 -9.59 -1.27 -13.67
C LEU C 217 -11.06 -1.59 -13.46
N TRP C 218 -11.83 -1.58 -14.55
CA TRP C 218 -13.28 -1.62 -14.48
C TRP C 218 -13.83 -2.97 -14.95
N ASP C 219 -15.04 -3.28 -14.48
CA ASP C 219 -15.82 -4.42 -14.98
C ASP C 219 -16.94 -3.85 -15.87
N LEU C 220 -16.82 -4.10 -17.18
CA LEU C 220 -17.68 -3.41 -18.14
C LEU C 220 -19.15 -3.81 -17.98
N VAL C 221 -19.43 -5.11 -18.01
CA VAL C 221 -20.83 -5.54 -17.91
C VAL C 221 -21.43 -5.11 -16.58
N ALA C 222 -20.62 -5.07 -15.53
CA ALA C 222 -21.11 -4.65 -14.22
C ALA C 222 -21.09 -3.14 -14.02
N GLY C 223 -20.27 -2.41 -14.77
CA GLY C 223 -20.22 -0.97 -14.63
C GLY C 223 -19.57 -0.49 -13.35
N LYS C 224 -18.64 -1.27 -12.80
CA LYS C 224 -18.03 -0.97 -11.51
C LYS C 224 -16.52 -1.12 -11.60
N THR C 225 -15.83 -0.58 -10.60
CA THR C 225 -14.39 -0.71 -10.50
C THR C 225 -14.01 -2.06 -9.88
N ARG C 226 -13.09 -2.77 -10.52
CA ARG C 226 -12.51 -3.97 -9.92
C ARG C 226 -11.33 -3.63 -9.03
N VAL C 227 -10.33 -2.92 -9.56
CA VAL C 227 -9.12 -2.56 -8.83
C VAL C 227 -8.87 -1.07 -9.00
N THR C 228 -8.40 -0.44 -7.92
CA THR C 228 -7.89 0.93 -7.95
C THR C 228 -6.42 0.89 -7.59
N LEU C 229 -5.56 1.35 -8.51
CA LEU C 229 -4.12 1.41 -8.28
C LEU C 229 -3.74 2.80 -7.81
N THR C 230 -3.05 2.88 -6.66
CA THR C 230 -2.76 4.16 -6.03
C THR C 230 -1.27 4.49 -5.99
N ASN C 231 -0.44 3.80 -6.79
CA ASN C 231 0.99 3.97 -6.67
C ASN C 231 1.45 5.37 -7.02
N HIS C 232 0.77 6.02 -7.97
CA HIS C 232 1.22 7.33 -8.43
C HIS C 232 0.99 8.39 -7.36
N LYS C 233 1.99 9.27 -7.21
CA LYS C 233 1.88 10.37 -6.26
C LYS C 233 1.25 11.61 -6.88
N LYS C 234 1.34 11.76 -8.20
CA LYS C 234 0.85 12.94 -8.91
C LYS C 234 -0.25 12.52 -9.89
N SER C 235 -0.74 13.49 -10.65
CA SER C 235 -1.89 13.25 -11.53
C SER C 235 -1.50 12.37 -12.71
N VAL C 236 -2.45 11.53 -13.13
CA VAL C 236 -2.29 10.65 -14.28
C VAL C 236 -2.97 11.31 -15.47
N ARG C 237 -2.27 11.36 -16.61
CA ARG C 237 -2.83 11.94 -17.82
C ARG C 237 -2.72 11.02 -19.03
N ALA C 238 -2.24 9.79 -18.87
CA ALA C 238 -2.04 8.92 -20.01
C ALA C 238 -2.00 7.47 -19.56
N VAL C 239 -2.62 6.60 -20.35
CA VAL C 239 -2.55 5.16 -20.18
C VAL C 239 -2.40 4.55 -21.56
N VAL C 240 -1.51 3.55 -21.67
CA VAL C 240 -1.29 2.86 -22.93
C VAL C 240 -1.29 1.37 -22.65
N LEU C 241 -1.99 0.61 -23.49
CA LEU C 241 -1.99 -0.84 -23.41
C LEU C 241 -0.99 -1.40 -24.40
N HIS C 242 -0.33 -2.49 -24.03
CA HIS C 242 0.64 -3.11 -24.92
C HIS C 242 -0.10 -3.91 -26.00
N PRO C 243 0.37 -3.86 -27.26
CA PRO C 243 -0.38 -4.53 -28.34
C PRO C 243 -0.47 -6.04 -28.20
N ARG C 244 0.28 -6.63 -27.25
CA ARG C 244 0.20 -8.06 -26.96
C ARG C 244 -0.67 -8.37 -25.76
N HIS C 245 -1.39 -7.37 -25.24
CA HIS C 245 -2.46 -7.57 -24.24
C HIS C 245 -1.96 -8.21 -22.94
N TYR C 246 -0.69 -8.00 -22.60
CA TYR C 246 -0.12 -8.57 -21.39
C TYR C 246 0.02 -7.55 -20.28
N THR C 247 0.58 -6.39 -20.60
CA THR C 247 0.92 -5.37 -19.63
C THR C 247 0.36 -4.04 -20.12
N PHE C 248 0.52 -3.00 -19.31
CA PHE C 248 0.16 -1.64 -19.73
C PHE C 248 1.00 -0.66 -18.91
N ALA C 249 0.94 0.60 -19.32
CA ALA C 249 1.77 1.64 -18.71
C ALA C 249 0.94 2.88 -18.42
N SER C 250 1.36 3.62 -17.40
CA SER C 250 0.68 4.80 -16.90
C SER C 250 1.69 5.91 -16.71
N GLY C 251 1.31 7.13 -17.07
CA GLY C 251 2.23 8.26 -17.09
C GLY C 251 1.81 9.35 -16.12
N SER C 252 2.79 9.83 -15.36
CA SER C 252 2.61 10.99 -14.49
C SER C 252 3.97 11.65 -14.35
N PRO C 253 4.01 12.90 -13.84
CA PRO C 253 5.31 13.58 -13.70
C PRO C 253 6.25 12.92 -12.70
N ASP C 254 5.74 12.10 -11.77
CA ASP C 254 6.59 11.43 -10.81
C ASP C 254 7.36 10.29 -11.46
N ASN C 255 6.70 9.54 -12.35
CA ASN C 255 7.26 8.34 -12.96
C ASN C 255 6.32 7.91 -14.07
N ILE C 256 6.83 7.04 -14.93
CA ILE C 256 6.01 6.18 -15.79
C ILE C 256 6.03 4.79 -15.17
N LYS C 257 4.85 4.25 -14.86
CA LYS C 257 4.74 2.95 -14.20
C LYS C 257 4.26 1.90 -15.19
N GLN C 258 4.76 0.67 -14.99
CA GLN C 258 4.38 -0.49 -15.79
C GLN C 258 3.64 -1.49 -14.92
N TRP C 259 2.55 -2.04 -15.46
CA TRP C 259 1.68 -2.91 -14.69
C TRP C 259 1.38 -4.18 -15.47
N LYS C 260 1.09 -5.25 -14.74
CA LYS C 260 0.69 -6.52 -15.31
C LYS C 260 -0.83 -6.65 -15.24
N PHE C 261 -1.45 -7.07 -16.34
CA PHE C 261 -2.84 -7.47 -16.29
C PHE C 261 -2.94 -8.84 -15.61
N PRO C 262 -4.12 -9.19 -15.08
CA PRO C 262 -5.37 -8.42 -15.02
C PRO C 262 -5.54 -7.58 -13.76
N ASP C 263 -4.82 -7.91 -12.69
CA ASP C 263 -5.06 -7.26 -11.42
C ASP C 263 -4.31 -5.95 -11.27
N GLY C 264 -3.46 -5.61 -12.24
CA GLY C 264 -2.69 -4.38 -12.19
C GLY C 264 -1.53 -4.45 -11.23
N SER C 265 -0.61 -5.39 -11.46
CA SER C 265 0.52 -5.61 -10.59
C SER C 265 1.72 -4.78 -11.04
N PHE C 266 2.26 -3.98 -10.13
CA PHE C 266 3.37 -3.07 -10.46
C PHE C 266 4.62 -3.86 -10.84
N ILE C 267 5.23 -3.48 -11.96
CA ILE C 267 6.46 -4.11 -12.44
C ILE C 267 7.66 -3.23 -12.13
N GLN C 268 7.68 -2.02 -12.69
CA GLN C 268 8.84 -1.15 -12.57
C GLN C 268 8.48 0.27 -12.97
N ASN C 269 9.21 1.22 -12.41
CA ASN C 269 9.11 2.62 -12.82
C ASN C 269 10.02 2.89 -13.99
N LEU C 270 9.52 3.63 -14.97
CA LEU C 270 10.35 4.19 -16.03
C LEU C 270 10.53 5.68 -15.70
N SER C 271 11.69 6.01 -15.14
CA SER C 271 11.95 7.34 -14.63
C SER C 271 12.81 8.15 -15.60
N GLY C 272 12.95 9.44 -15.30
CA GLY C 272 13.80 10.33 -16.06
C GLY C 272 13.05 11.43 -16.80
N HIS C 273 11.83 11.14 -17.24
CA HIS C 273 11.03 12.14 -17.96
C HIS C 273 10.34 13.00 -16.92
N ASN C 274 11.03 14.06 -16.47
CA ASN C 274 10.52 14.93 -15.41
C ASN C 274 9.75 16.09 -16.03
N ALA C 275 8.55 15.78 -16.53
CA ALA C 275 7.70 16.78 -17.14
C ALA C 275 6.25 16.29 -17.07
N ILE C 276 5.33 17.11 -17.59
CA ILE C 276 3.91 16.77 -17.61
C ILE C 276 3.68 15.84 -18.80
N ILE C 277 3.58 14.54 -18.53
CA ILE C 277 3.30 13.57 -19.59
C ILE C 277 1.86 13.74 -20.05
N ASN C 278 1.68 14.08 -21.31
CA ASN C 278 0.35 14.17 -21.90
C ASN C 278 -0.07 12.93 -22.66
N THR C 279 0.88 12.13 -23.15
CA THR C 279 0.54 11.07 -24.06
C THR C 279 1.54 9.91 -23.91
N LEU C 280 1.02 8.70 -24.08
CA LEU C 280 1.80 7.48 -24.10
C LEU C 280 1.34 6.63 -25.28
N THR C 281 2.29 6.09 -26.04
CA THR C 281 1.96 5.19 -27.13
C THR C 281 3.11 4.22 -27.31
N VAL C 282 2.79 3.05 -27.86
CA VAL C 282 3.77 2.00 -28.11
C VAL C 282 3.41 1.32 -29.43
N ASN C 283 4.43 0.79 -30.10
CA ASN C 283 4.21 -0.10 -31.24
C ASN C 283 4.53 -1.54 -30.85
N SER C 284 4.27 -2.45 -31.79
CA SER C 284 4.47 -3.86 -31.51
C SER C 284 5.94 -4.22 -31.33
N ASP C 285 6.86 -3.40 -31.82
CA ASP C 285 8.29 -3.65 -31.60
C ASP C 285 8.70 -3.43 -30.15
N GLY C 286 7.88 -2.76 -29.35
CA GLY C 286 8.27 -2.39 -28.00
C GLY C 286 8.74 -0.98 -27.80
N VAL C 287 8.67 -0.13 -28.83
CA VAL C 287 9.07 1.27 -28.70
C VAL C 287 7.96 2.03 -28.01
N LEU C 288 8.25 2.54 -26.81
CA LEU C 288 7.31 3.36 -26.05
C LEU C 288 7.67 4.84 -26.17
N VAL C 289 6.67 5.67 -26.42
CA VAL C 289 6.83 7.12 -26.57
C VAL C 289 6.12 7.81 -25.42
N SER C 290 6.75 8.81 -24.83
CA SER C 290 6.09 9.69 -23.87
C SER C 290 6.31 11.13 -24.30
N GLY C 291 5.22 11.84 -24.56
CA GLY C 291 5.26 13.24 -24.97
C GLY C 291 4.82 14.14 -23.83
N ALA C 292 5.48 15.28 -23.68
CA ALA C 292 5.35 16.10 -22.48
C ALA C 292 4.89 17.52 -22.81
N ASP C 293 4.43 18.20 -21.76
CA ASP C 293 3.85 19.53 -21.90
C ASP C 293 4.88 20.56 -22.34
N ASN C 294 6.15 20.32 -22.03
CA ASN C 294 7.22 21.20 -22.47
C ASN C 294 7.76 20.81 -23.85
N GLY C 295 7.11 19.89 -24.54
CA GLY C 295 7.52 19.49 -25.87
C GLY C 295 8.59 18.42 -25.93
N THR C 296 9.09 17.97 -24.78
CA THR C 296 10.07 16.90 -24.77
C THR C 296 9.39 15.56 -25.07
N MET C 297 10.14 14.68 -25.73
CA MET C 297 9.66 13.36 -26.07
C MET C 297 10.72 12.36 -25.66
N HIS C 298 10.35 11.40 -24.81
CA HIS C 298 11.22 10.31 -24.38
C HIS C 298 10.76 9.04 -25.08
N LEU C 299 11.70 8.29 -25.65
CA LEU C 299 11.41 7.00 -26.25
C LEU C 299 12.09 5.89 -25.44
N TRP C 300 11.39 4.79 -25.23
CA TRP C 300 11.82 3.75 -24.31
C TRP C 300 11.63 2.38 -24.92
N ASP C 301 12.52 1.46 -24.56
CA ASP C 301 12.28 0.04 -24.80
C ASP C 301 11.33 -0.49 -23.73
N TRP C 302 10.22 -1.09 -24.16
CA TRP C 302 9.19 -1.51 -23.23
C TRP C 302 9.71 -2.52 -22.22
N ARG C 303 10.38 -3.57 -22.70
CA ARG C 303 10.71 -4.69 -21.84
C ARG C 303 11.78 -4.31 -20.81
N THR C 304 12.93 -3.79 -21.28
CA THR C 304 13.98 -3.39 -20.35
C THR C 304 13.65 -2.07 -19.66
N GLY C 305 12.86 -1.22 -20.30
CA GLY C 305 12.61 0.10 -19.76
C GLY C 305 13.67 1.13 -20.09
N TYR C 306 14.60 0.84 -20.99
CA TYR C 306 15.73 1.74 -21.18
C TYR C 306 15.33 2.90 -22.07
N ASN C 307 15.63 4.11 -21.59
CA ASN C 307 15.32 5.36 -22.27
C ASN C 307 16.37 5.56 -23.36
N PHE C 308 16.08 5.07 -24.57
CA PHE C 308 17.11 5.00 -25.60
C PHE C 308 17.21 6.25 -26.47
N GLN C 309 16.29 7.21 -26.32
CA GLN C 309 16.34 8.43 -27.12
C GLN C 309 15.52 9.52 -26.44
N ARG C 310 16.00 10.75 -26.58
CA ARG C 310 15.32 11.94 -26.07
C ARG C 310 15.31 12.99 -27.18
N VAL C 311 14.13 13.40 -27.61
CA VAL C 311 13.96 14.47 -28.59
C VAL C 311 13.49 15.74 -27.86
N HIS C 312 14.04 16.90 -28.23
CA HIS C 312 13.72 18.22 -27.67
C HIS C 312 12.79 18.98 -28.65
N ALA C 313 12.12 20.02 -28.19
CA ALA C 313 11.31 20.80 -29.14
C ALA C 313 12.19 21.81 -29.90
N SER C 322 7.00 28.82 -25.66
CA SER C 322 6.11 28.70 -24.52
C SER C 322 4.84 27.98 -24.95
N GLU C 323 4.32 28.37 -26.12
CA GLU C 323 3.30 27.57 -26.81
C GLU C 323 4.04 26.47 -27.58
N SER C 324 4.66 25.59 -26.81
CA SER C 324 5.36 24.42 -27.32
C SER C 324 5.11 23.27 -26.37
N GLY C 325 4.84 22.11 -26.91
CA GLY C 325 4.43 20.98 -26.12
C GLY C 325 3.75 19.94 -26.97
N ILE C 326 3.62 18.74 -26.39
CA ILE C 326 3.02 17.61 -27.07
C ILE C 326 1.82 17.14 -26.25
N PHE C 327 0.67 17.04 -26.92
CA PHE C 327 -0.57 16.59 -26.28
C PHE C 327 -0.94 15.16 -26.63
N ALA C 328 -0.62 14.72 -27.85
CA ALA C 328 -1.02 13.40 -28.30
C ALA C 328 0.05 12.81 -29.20
N CYS C 329 0.09 11.47 -29.24
CA CYS C 329 1.00 10.70 -30.08
C CYS C 329 0.28 9.51 -30.69
N ALA C 330 0.63 9.18 -31.94
CA ALA C 330 0.07 8.01 -32.58
C ALA C 330 1.06 7.44 -33.59
N PHE C 331 1.25 6.12 -33.56
CA PHE C 331 1.91 5.43 -34.65
C PHE C 331 0.95 5.20 -35.80
N ASP C 332 1.51 5.12 -37.01
CA ASP C 332 0.73 4.72 -38.17
C ASP C 332 0.57 3.19 -38.17
N GLN C 333 -0.28 2.69 -39.06
CA GLN C 333 -0.64 1.27 -39.01
C GLN C 333 0.57 0.38 -39.26
N SER C 334 1.45 0.79 -40.19
CA SER C 334 2.69 0.07 -40.45
C SER C 334 3.65 0.14 -39.26
N GLU C 335 3.44 1.10 -38.35
CA GLU C 335 4.29 1.34 -37.19
C GLU C 335 5.69 1.83 -37.56
N SER C 336 5.85 2.41 -38.74
CA SER C 336 7.09 3.05 -39.15
C SER C 336 7.02 4.57 -39.09
N ARG C 337 5.88 5.13 -38.66
CA ARG C 337 5.69 6.57 -38.59
C ARG C 337 5.12 6.96 -37.23
N LEU C 338 5.66 8.01 -36.63
CA LEU C 338 5.22 8.50 -35.33
C LEU C 338 4.71 9.93 -35.48
N LEU C 339 3.42 10.13 -35.21
CA LEU C 339 2.75 11.41 -35.41
C LEU C 339 2.42 12.05 -34.08
N THR C 340 2.72 13.34 -33.94
CA THR C 340 2.57 14.06 -32.68
C THR C 340 1.64 15.26 -32.86
N ALA C 341 0.85 15.54 -31.83
CA ALA C 341 -0.08 16.66 -31.80
C ALA C 341 0.46 17.73 -30.86
N GLU C 342 0.80 18.89 -31.42
CA GLU C 342 1.65 19.85 -30.72
C GLU C 342 0.96 21.18 -30.47
N ALA C 343 1.46 21.88 -29.43
CA ALA C 343 0.92 23.18 -29.04
C ALA C 343 1.35 24.31 -29.95
N ASP C 344 2.30 24.09 -30.85
CA ASP C 344 2.59 25.06 -31.90
C ASP C 344 1.65 24.92 -33.09
N LYS C 345 0.51 24.27 -32.89
CA LYS C 345 -0.56 24.12 -33.87
C LYS C 345 -0.16 23.27 -35.07
N THR C 346 0.82 22.40 -34.92
CA THR C 346 1.27 21.56 -36.03
C THR C 346 1.22 20.09 -35.63
N ILE C 347 1.28 19.25 -36.66
CA ILE C 347 1.45 17.81 -36.50
C ILE C 347 2.84 17.47 -37.02
N LYS C 348 3.62 16.74 -36.22
CA LYS C 348 4.99 16.39 -36.58
C LYS C 348 5.09 14.89 -36.81
N VAL C 349 5.65 14.51 -37.95
CA VAL C 349 5.80 13.13 -38.36
C VAL C 349 7.25 12.74 -38.16
N TYR C 350 7.49 11.64 -37.45
CA TYR C 350 8.82 11.12 -37.22
C TYR C 350 8.97 9.77 -37.92
N ARG C 351 10.17 9.51 -38.44
CA ARG C 351 10.48 8.24 -39.09
C ARG C 351 11.80 7.69 -38.55
N GLU C 352 11.95 6.37 -38.67
CA GLU C 352 13.13 5.67 -38.16
C GLU C 352 14.34 5.92 -39.05
N ASP C 353 15.46 6.29 -38.43
CA ASP C 353 16.70 6.53 -39.16
C ASP C 353 17.73 5.42 -38.88
N GLN D 50 30.30 -44.55 -0.65
CA GLN D 50 29.65 -44.17 -1.89
C GLN D 50 30.04 -42.76 -2.32
N TRP D 51 29.45 -42.30 -3.42
CA TRP D 51 29.83 -41.04 -4.04
C TRP D 51 28.68 -40.56 -4.91
N HIS D 52 28.41 -39.26 -4.86
CA HIS D 52 27.47 -38.60 -5.72
C HIS D 52 28.16 -37.45 -6.44
N PRO D 53 27.95 -37.30 -7.76
CA PRO D 53 28.56 -36.17 -8.45
C PRO D 53 27.96 -34.85 -7.97
N PRO D 54 28.73 -33.77 -8.00
CA PRO D 54 28.21 -32.49 -7.52
C PRO D 54 27.23 -31.88 -8.50
N TRP D 55 26.43 -30.95 -7.98
CA TRP D 55 25.41 -30.26 -8.75
C TRP D 55 25.87 -28.84 -9.08
N LYS D 56 25.47 -28.37 -10.26
CA LYS D 56 25.88 -27.06 -10.75
C LYS D 56 24.69 -26.34 -11.35
N LEU D 57 24.67 -25.01 -11.20
CA LEU D 57 23.57 -24.18 -11.67
C LEU D 57 23.54 -24.14 -13.20
N TYR D 58 22.40 -24.48 -13.78
CA TYR D 58 22.25 -24.54 -15.24
C TYR D 58 21.43 -23.39 -15.82
N ARG D 59 20.40 -22.91 -15.10
CA ARG D 59 19.52 -21.88 -15.63
C ARG D 59 18.92 -21.09 -14.48
N VAL D 60 18.59 -19.83 -14.75
CA VAL D 60 17.90 -18.96 -13.80
C VAL D 60 16.64 -18.46 -14.47
N ILE D 61 15.49 -18.77 -13.90
CA ILE D 61 14.20 -18.47 -14.49
C ILE D 61 13.49 -17.45 -13.63
N SER D 62 13.30 -16.25 -14.18
CA SER D 62 12.64 -15.14 -13.48
C SER D 62 11.33 -14.77 -14.18
N GLY D 63 10.52 -13.99 -13.47
CA GLY D 63 9.21 -13.57 -13.96
C GLY D 63 8.15 -13.37 -12.90
N HIS D 64 8.29 -14.03 -11.75
CA HIS D 64 7.44 -13.66 -10.61
C HIS D 64 7.87 -12.31 -10.06
N LEU D 65 6.91 -11.56 -9.55
CA LEU D 65 7.18 -10.27 -8.93
C LEU D 65 7.23 -10.33 -7.41
N GLY D 66 7.33 -11.53 -6.85
CA GLY D 66 7.51 -11.72 -5.43
C GLY D 66 8.13 -13.07 -5.18
N TRP D 67 8.21 -13.43 -3.89
CA TRP D 67 8.77 -14.72 -3.49
C TRP D 67 8.07 -15.86 -4.22
N VAL D 68 8.87 -16.83 -4.67
CA VAL D 68 8.35 -18.09 -5.19
C VAL D 68 8.28 -19.06 -4.03
N ARG D 69 7.06 -19.43 -3.61
CA ARG D 69 6.89 -20.20 -2.38
C ARG D 69 6.81 -21.70 -2.60
N CYS D 70 6.45 -22.16 -3.81
CA CYS D 70 6.22 -23.59 -4.02
C CYS D 70 6.49 -23.95 -5.47
N ILE D 71 6.70 -25.24 -5.70
CA ILE D 71 7.06 -25.73 -7.02
C ILE D 71 6.69 -27.21 -7.11
N ALA D 72 6.32 -27.65 -8.30
CA ALA D 72 5.95 -29.03 -8.55
C ALA D 72 6.10 -29.33 -10.03
N VAL D 73 6.48 -30.56 -10.33
CA VAL D 73 6.72 -30.99 -11.69
C VAL D 73 5.58 -31.92 -12.10
N GLU D 74 5.04 -31.70 -13.30
CA GLU D 74 3.96 -32.54 -13.79
C GLU D 74 4.51 -33.92 -14.15
N PRO D 75 3.67 -34.96 -14.06
CA PRO D 75 4.19 -36.33 -14.24
C PRO D 75 4.90 -36.56 -15.56
N GLY D 76 4.48 -35.88 -16.63
CA GLY D 76 5.12 -36.02 -17.91
C GLY D 76 6.43 -35.28 -18.08
N ASN D 77 6.85 -34.54 -17.06
CA ASN D 77 8.14 -33.84 -17.02
C ASN D 77 8.33 -32.87 -18.19
N GLN D 78 7.24 -32.37 -18.77
CA GLN D 78 7.38 -31.35 -19.81
C GLN D 78 7.45 -29.95 -19.23
N TRP D 79 6.76 -29.69 -18.13
CA TRP D 79 6.68 -28.36 -17.56
C TRP D 79 6.59 -28.46 -16.05
N PHE D 80 6.91 -27.35 -15.38
CA PHE D 80 6.77 -27.26 -13.94
C PHE D 80 5.98 -25.99 -13.60
N VAL D 81 5.36 -26.03 -12.43
CA VAL D 81 4.44 -24.99 -11.99
C VAL D 81 4.96 -24.43 -10.67
N THR D 82 4.84 -23.11 -10.50
CA THR D 82 5.28 -22.42 -9.30
C THR D 82 4.14 -21.57 -8.74
N GLY D 83 4.24 -21.27 -7.46
CA GLY D 83 3.30 -20.38 -6.81
C GLY D 83 4.08 -19.32 -6.06
N SER D 84 3.54 -18.11 -6.05
CA SER D 84 4.31 -16.93 -5.66
C SER D 84 3.52 -16.06 -4.70
N ALA D 85 4.24 -15.14 -4.06
CA ALA D 85 3.61 -14.11 -3.25
C ALA D 85 3.02 -12.99 -4.09
N ASP D 86 3.26 -13.00 -5.40
CA ASP D 86 2.54 -12.11 -6.30
C ASP D 86 1.13 -12.62 -6.61
N ARG D 87 0.66 -13.62 -5.87
CA ARG D 87 -0.69 -14.18 -5.89
C ARG D 87 -0.99 -15.00 -7.14
N THR D 88 -0.01 -15.23 -8.00
N THR D 88 -0.02 -15.23 -8.01
CA THR D 88 -0.22 -15.92 -9.28
CA THR D 88 -0.28 -15.93 -9.26
C THR D 88 0.38 -17.31 -9.26
C THR D 88 0.36 -17.31 -9.25
N ILE D 89 -0.12 -18.15 -10.17
CA ILE D 89 0.42 -19.48 -10.39
C ILE D 89 1.01 -19.50 -11.79
N LYS D 90 2.25 -19.94 -11.90
CA LYS D 90 2.99 -19.88 -13.15
C LYS D 90 3.33 -21.29 -13.65
N ILE D 91 3.37 -21.44 -14.97
CA ILE D 91 3.68 -22.71 -15.62
C ILE D 91 4.78 -22.45 -16.64
N TRP D 92 5.93 -23.09 -16.46
CA TRP D 92 7.10 -22.86 -17.30
C TRP D 92 7.50 -24.15 -18.00
N ASP D 93 7.96 -24.02 -19.24
CA ASP D 93 8.53 -25.15 -19.96
C ASP D 93 9.85 -25.56 -19.32
N LEU D 94 9.97 -26.84 -18.97
CA LEU D 94 11.13 -27.30 -18.21
C LEU D 94 12.41 -27.21 -19.02
N ALA D 95 12.35 -27.57 -20.30
CA ALA D 95 13.57 -27.58 -21.12
C ALA D 95 14.03 -26.16 -21.38
N SER D 96 13.16 -25.32 -21.95
CA SER D 96 13.56 -23.98 -22.36
C SER D 96 13.58 -22.99 -21.20
N GLY D 97 12.86 -23.26 -20.12
CA GLY D 97 12.73 -22.29 -19.05
C GLY D 97 11.79 -21.14 -19.35
N LYS D 98 11.24 -21.09 -20.57
CA LYS D 98 10.34 -20.01 -20.94
C LYS D 98 8.96 -20.21 -20.32
N LEU D 99 8.26 -19.10 -20.12
CA LEU D 99 6.97 -19.12 -19.46
C LEU D 99 5.88 -19.58 -20.45
N LYS D 100 5.06 -20.53 -20.00
CA LYS D 100 3.93 -21.02 -20.78
C LYS D 100 2.64 -20.27 -20.47
N LEU D 101 2.33 -20.11 -19.18
CA LEU D 101 1.05 -19.56 -18.77
C LEU D 101 1.14 -19.08 -17.33
N SER D 102 0.30 -18.11 -16.99
CA SER D 102 0.19 -17.60 -15.63
C SER D 102 -1.28 -17.51 -15.25
N LEU D 103 -1.64 -18.10 -14.12
CA LEU D 103 -3.03 -18.15 -13.67
C LEU D 103 -3.19 -17.32 -12.41
N THR D 104 -4.33 -16.65 -12.31
CA THR D 104 -4.68 -15.83 -11.15
C THR D 104 -6.01 -16.31 -10.56
N GLY D 105 -6.25 -15.93 -9.31
CA GLY D 105 -7.42 -16.39 -8.59
C GLY D 105 -7.28 -16.50 -7.09
N HIS D 106 -6.04 -16.60 -6.61
CA HIS D 106 -5.79 -16.38 -5.19
C HIS D 106 -5.67 -14.88 -4.94
N ILE D 107 -6.17 -14.44 -3.79
CA ILE D 107 -6.09 -13.04 -3.41
C ILE D 107 -4.94 -12.78 -2.44
N SER D 108 -4.11 -13.79 -2.18
CA SER D 108 -2.96 -13.64 -1.29
C SER D 108 -1.84 -14.53 -1.81
N THR D 109 -0.81 -14.71 -0.99
CA THR D 109 0.33 -15.53 -1.36
C THR D 109 -0.08 -16.99 -1.56
N VAL D 110 0.36 -17.57 -2.67
CA VAL D 110 0.14 -18.99 -2.97
C VAL D 110 1.27 -19.78 -2.31
N ARG D 111 0.92 -20.72 -1.43
CA ARG D 111 1.92 -21.40 -0.60
C ARG D 111 2.21 -22.83 -1.02
N GLY D 112 1.36 -23.45 -1.82
CA GLY D 112 1.61 -24.82 -2.24
C GLY D 112 0.96 -25.08 -3.58
N VAL D 113 1.59 -25.95 -4.37
CA VAL D 113 1.07 -26.37 -5.67
C VAL D 113 1.37 -27.85 -5.87
N ILE D 114 0.54 -28.51 -6.67
CA ILE D 114 0.74 -29.91 -7.02
C ILE D 114 -0.10 -30.23 -8.24
N VAL D 115 0.47 -31.03 -9.16
CA VAL D 115 -0.23 -31.46 -10.37
C VAL D 115 -0.70 -32.89 -10.17
N SER D 116 -1.94 -33.15 -10.59
CA SER D 116 -2.57 -34.45 -10.37
C SER D 116 -1.87 -35.54 -11.17
N THR D 117 -2.06 -36.77 -10.72
CA THR D 117 -1.56 -37.94 -11.43
C THR D 117 -2.64 -38.62 -12.27
N ARG D 118 -3.79 -38.93 -11.66
CA ARG D 118 -4.87 -39.58 -12.39
C ARG D 118 -5.58 -38.62 -13.32
N SER D 119 -5.66 -37.34 -12.96
CA SER D 119 -6.43 -36.35 -13.69
C SER D 119 -5.53 -35.27 -14.28
N PRO D 120 -6.05 -34.48 -15.24
CA PRO D 120 -5.34 -33.27 -15.68
C PRO D 120 -5.69 -32.06 -14.82
N TYR D 121 -5.67 -32.24 -13.51
CA TYR D 121 -6.00 -31.19 -12.55
C TYR D 121 -4.72 -30.69 -11.88
N LEU D 122 -4.83 -29.49 -11.31
CA LEU D 122 -3.74 -28.88 -10.56
C LEU D 122 -4.33 -28.27 -9.30
N PHE D 123 -3.68 -28.50 -8.17
CA PHE D 123 -4.21 -28.09 -6.88
C PHE D 123 -3.32 -27.03 -6.25
N SER D 124 -3.94 -26.18 -5.43
CA SER D 124 -3.21 -25.06 -4.87
C SER D 124 -3.82 -24.66 -3.53
N CYS D 125 -2.98 -24.11 -2.67
CA CYS D 125 -3.39 -23.62 -1.36
C CYS D 125 -2.70 -22.29 -1.09
N GLY D 126 -3.38 -21.42 -0.35
CA GLY D 126 -2.95 -20.05 -0.23
C GLY D 126 -3.10 -19.51 1.17
N GLU D 127 -2.46 -18.36 1.39
CA GLU D 127 -2.60 -17.63 2.64
C GLU D 127 -3.98 -17.02 2.81
N ASP D 128 -4.80 -17.02 1.76
CA ASP D 128 -6.17 -16.52 1.80
C ASP D 128 -7.19 -17.60 2.18
N LYS D 129 -6.73 -18.70 2.81
CA LYS D 129 -7.55 -19.83 3.25
C LYS D 129 -8.10 -20.65 2.10
N GLN D 130 -7.90 -20.20 0.86
CA GLN D 130 -8.52 -20.84 -0.30
C GLN D 130 -7.67 -22.01 -0.80
N VAL D 131 -8.35 -23.10 -1.15
CA VAL D 131 -7.72 -24.29 -1.69
C VAL D 131 -8.48 -24.68 -2.96
N LYS D 132 -7.81 -24.62 -4.11
CA LYS D 132 -8.48 -24.66 -5.40
C LYS D 132 -7.94 -25.78 -6.29
N CYS D 133 -8.84 -26.32 -7.12
CA CYS D 133 -8.50 -27.29 -8.15
C CYS D 133 -8.66 -26.66 -9.51
N TRP D 134 -7.56 -26.58 -10.26
CA TRP D 134 -7.57 -26.01 -11.61
C TRP D 134 -7.69 -27.11 -12.64
N ASP D 135 -8.47 -26.84 -13.68
CA ASP D 135 -8.54 -27.71 -14.86
C ASP D 135 -7.60 -27.10 -15.90
N LEU D 136 -6.54 -27.84 -16.23
CA LEU D 136 -5.52 -27.31 -17.14
C LEU D 136 -5.89 -27.43 -18.61
N GLU D 137 -6.96 -28.16 -18.94
CA GLU D 137 -7.51 -28.13 -20.29
C GLU D 137 -8.18 -26.80 -20.57
N TYR D 138 -8.89 -26.25 -19.57
CA TYR D 138 -9.63 -25.00 -19.73
C TYR D 138 -9.03 -23.82 -18.97
N ASN D 139 -8.02 -24.05 -18.13
CA ASN D 139 -7.27 -22.98 -17.47
C ASN D 139 -8.15 -22.13 -16.54
N LYS D 140 -8.83 -22.80 -15.62
CA LYS D 140 -9.70 -22.13 -14.68
C LYS D 140 -9.91 -23.01 -13.46
N VAL D 141 -10.38 -22.39 -12.38
CA VAL D 141 -10.71 -23.12 -11.17
C VAL D 141 -12.06 -23.81 -11.35
N ILE D 142 -12.16 -25.06 -10.91
CA ILE D 142 -13.38 -25.83 -11.06
C ILE D 142 -13.98 -26.30 -9.75
N ARG D 143 -13.26 -26.18 -8.63
CA ARG D 143 -13.82 -26.62 -7.35
C ARG D 143 -13.14 -25.85 -6.22
N HIS D 144 -13.86 -25.73 -5.11
CA HIS D 144 -13.39 -25.03 -3.91
C HIS D 144 -13.45 -25.96 -2.71
N TYR D 145 -12.54 -25.72 -1.78
CA TYR D 145 -12.45 -26.51 -0.54
C TYR D 145 -12.38 -25.52 0.62
N HIS D 146 -13.50 -25.36 1.31
CA HIS D 146 -13.60 -24.42 2.42
C HIS D 146 -13.52 -25.15 3.75
N GLY D 147 -12.97 -24.46 4.75
CA GLY D 147 -12.88 -25.01 6.10
C GLY D 147 -11.70 -24.57 6.93
N HIS D 148 -10.57 -24.23 6.31
CA HIS D 148 -9.46 -23.71 7.10
C HIS D 148 -9.76 -22.31 7.58
N LEU D 149 -9.24 -21.96 8.75
CA LEU D 149 -9.52 -20.67 9.37
C LEU D 149 -8.42 -19.65 9.16
N SER D 150 -7.23 -20.07 8.75
CA SER D 150 -6.15 -19.15 8.47
C SER D 150 -5.35 -19.68 7.28
N ALA D 151 -4.20 -19.07 7.03
CA ALA D 151 -3.38 -19.40 5.87
C ALA D 151 -3.12 -20.90 5.76
N VAL D 152 -3.14 -21.40 4.54
CA VAL D 152 -2.85 -22.80 4.25
C VAL D 152 -1.41 -22.90 3.76
N TYR D 153 -0.59 -23.68 4.45
CA TYR D 153 0.84 -23.68 4.19
C TYR D 153 1.28 -24.72 3.16
N GLY D 154 0.50 -25.76 2.90
CA GLY D 154 0.92 -26.73 1.91
C GLY D 154 -0.19 -27.70 1.58
N LEU D 155 0.14 -28.66 0.71
CA LEU D 155 -0.81 -29.69 0.31
C LEU D 155 -0.06 -30.95 -0.11
N ASP D 156 -0.78 -32.07 -0.14
CA ASP D 156 -0.27 -33.29 -0.74
C ASP D 156 -1.41 -34.10 -1.30
N LEU D 157 -1.12 -34.91 -2.31
CA LEU D 157 -2.08 -35.81 -2.92
C LEU D 157 -1.78 -37.24 -2.50
N HIS D 158 -2.82 -38.00 -2.21
CA HIS D 158 -2.61 -39.41 -1.86
C HIS D 158 -2.34 -40.22 -3.14
N PRO D 159 -1.37 -41.14 -3.10
CA PRO D 159 -1.03 -41.89 -4.32
C PRO D 159 -2.08 -42.90 -4.78
N THR D 160 -3.00 -43.31 -3.90
CA THR D 160 -3.95 -44.36 -4.26
C THR D 160 -5.40 -43.99 -3.97
N ILE D 161 -5.63 -43.13 -3.00
CA ILE D 161 -6.98 -42.67 -2.65
C ILE D 161 -7.20 -41.30 -3.25
N ASP D 162 -8.43 -41.03 -3.66
CA ASP D 162 -8.79 -39.79 -4.36
C ASP D 162 -9.03 -38.68 -3.35
N VAL D 163 -7.97 -38.29 -2.65
CA VAL D 163 -8.05 -37.26 -1.62
C VAL D 163 -6.86 -36.31 -1.74
N LEU D 164 -7.13 -35.05 -1.42
CA LEU D 164 -6.11 -34.02 -1.21
C LEU D 164 -6.05 -33.71 0.28
N VAL D 165 -4.84 -33.50 0.80
CA VAL D 165 -4.64 -33.19 2.21
C VAL D 165 -3.89 -31.87 2.31
N THR D 166 -4.45 -30.95 3.08
CA THR D 166 -3.90 -29.62 3.29
C THR D 166 -3.43 -29.47 4.73
N CYS D 167 -2.48 -28.56 4.93
CA CYS D 167 -2.04 -28.19 6.26
C CYS D 167 -1.96 -26.68 6.34
N SER D 168 -2.38 -26.13 7.48
CA SER D 168 -2.63 -24.70 7.58
C SER D 168 -2.07 -24.16 8.88
N ARG D 169 -1.99 -22.82 8.93
CA ARG D 169 -1.59 -22.06 10.10
C ARG D 169 -2.55 -22.24 11.27
N ASP D 170 -3.75 -22.78 11.05
CA ASP D 170 -4.74 -22.99 12.09
C ASP D 170 -4.52 -24.27 12.91
N SER D 171 -3.30 -24.84 12.83
CA SER D 171 -2.87 -26.04 13.56
C SER D 171 -3.57 -27.30 13.10
N THR D 172 -4.17 -27.31 11.93
CA THR D 172 -4.89 -28.48 11.48
C THR D 172 -4.34 -28.97 10.14
N ALA D 173 -4.69 -30.21 9.84
CA ALA D 173 -4.67 -30.73 8.49
C ALA D 173 -6.08 -31.14 8.14
N ARG D 174 -6.40 -31.10 6.85
CA ARG D 174 -7.74 -31.47 6.42
C ARG D 174 -7.67 -32.32 5.17
N ILE D 175 -8.49 -33.36 5.13
CA ILE D 175 -8.59 -34.25 3.98
C ILE D 175 -9.80 -33.85 3.17
N TRP D 176 -9.64 -33.80 1.85
CA TRP D 176 -10.68 -33.35 0.95
C TRP D 176 -10.88 -34.40 -0.13
N ASP D 177 -12.11 -34.89 -0.25
CA ASP D 177 -12.44 -35.74 -1.39
C ASP D 177 -12.33 -34.92 -2.67
N VAL D 178 -11.60 -35.46 -3.64
CA VAL D 178 -11.34 -34.73 -4.87
C VAL D 178 -12.43 -34.97 -5.91
N VAL D 184 -13.67 -34.65 4.46
CA VAL D 184 -13.85 -35.99 4.99
C VAL D 184 -13.51 -36.03 6.48
N HIS D 185 -12.35 -35.48 6.82
CA HIS D 185 -11.90 -35.42 8.20
C HIS D 185 -11.13 -34.13 8.41
N THR D 186 -10.95 -33.76 9.68
CA THR D 186 -10.14 -32.59 10.05
C THR D 186 -9.10 -33.05 11.07
N LEU D 187 -7.84 -33.07 10.65
CA LEU D 187 -6.75 -33.54 11.50
C LEU D 187 -6.38 -32.45 12.48
N SER D 188 -6.76 -32.64 13.74
CA SER D 188 -6.48 -31.68 14.80
C SER D 188 -5.58 -32.33 15.84
N GLY D 189 -4.88 -31.49 16.61
CA GLY D 189 -3.98 -31.97 17.64
C GLY D 189 -2.67 -31.21 17.74
N HIS D 190 -2.18 -30.69 16.62
CA HIS D 190 -1.01 -29.83 16.66
C HIS D 190 -1.35 -28.54 17.40
N THR D 191 -0.35 -27.99 18.11
CA THR D 191 -0.55 -26.81 18.93
C THR D 191 0.05 -25.55 18.30
N ASN D 192 0.41 -25.60 17.02
CA ASN D 192 0.94 -24.46 16.29
C ASN D 192 0.70 -24.73 14.82
N ALA D 193 1.19 -23.81 13.98
CA ALA D 193 1.01 -23.98 12.54
C ALA D 193 1.54 -25.34 12.09
N VAL D 194 0.79 -25.97 11.19
CA VAL D 194 1.27 -27.16 10.49
C VAL D 194 1.94 -26.67 9.22
N ALA D 195 3.24 -26.93 9.09
CA ALA D 195 4.01 -26.36 8.00
C ALA D 195 4.06 -27.25 6.77
N THR D 196 3.93 -28.56 6.94
CA THR D 196 4.13 -29.48 5.85
C THR D 196 3.41 -30.79 6.14
N VAL D 197 2.93 -31.43 5.08
CA VAL D 197 2.18 -32.68 5.18
C VAL D 197 2.55 -33.57 4.00
N ARG D 198 2.69 -34.87 4.26
CA ARG D 198 3.09 -35.82 3.25
C ARG D 198 2.18 -37.04 3.25
N CYS D 199 2.01 -37.64 2.07
CA CYS D 199 1.15 -38.79 1.88
C CYS D 199 1.95 -39.98 1.38
N GLN D 200 1.60 -41.17 1.86
CA GLN D 200 2.13 -42.41 1.35
C GLN D 200 1.02 -43.46 1.40
N ALA D 201 1.18 -44.53 0.61
CA ALA D 201 0.12 -45.52 0.48
C ALA D 201 0.03 -46.42 1.71
N ALA D 202 1.16 -46.81 2.28
CA ALA D 202 1.15 -47.67 3.45
C ALA D 202 0.98 -46.83 4.71
N GLU D 203 0.56 -47.51 5.78
CA GLU D 203 0.43 -46.87 7.08
C GLU D 203 1.80 -46.63 7.70
N PRO D 204 2.01 -45.47 8.36
CA PRO D 204 1.03 -44.39 8.49
C PRO D 204 0.98 -43.51 7.23
N GLN D 205 -0.23 -43.24 6.74
CA GLN D 205 -0.42 -42.71 5.39
C GLN D 205 -0.30 -41.19 5.31
N ILE D 206 -0.42 -40.46 6.41
CA ILE D 206 -0.28 -39.01 6.41
C ILE D 206 0.70 -38.62 7.51
N ILE D 207 1.65 -37.74 7.18
CA ILE D 207 2.69 -37.30 8.10
C ILE D 207 2.73 -35.78 8.09
N THR D 208 2.67 -35.18 9.28
CA THR D 208 2.59 -33.74 9.43
C THR D 208 3.73 -33.22 10.30
N GLY D 209 4.30 -32.10 9.88
CA GLY D 209 5.32 -31.40 10.65
C GLY D 209 4.83 -30.02 11.05
N SER D 210 5.05 -29.65 12.30
CA SER D 210 4.44 -28.46 12.86
C SER D 210 5.48 -27.54 13.48
N HIS D 211 5.05 -26.29 13.71
CA HIS D 211 5.86 -25.30 14.40
C HIS D 211 5.89 -25.52 15.91
N ASP D 212 5.14 -26.48 16.43
CA ASP D 212 5.26 -26.90 17.83
C ASP D 212 6.41 -27.87 18.03
N THR D 213 7.28 -28.00 17.04
CA THR D 213 8.49 -28.81 17.05
C THR D 213 8.20 -30.30 16.94
N THR D 214 6.95 -30.70 16.72
CA THR D 214 6.60 -32.12 16.73
C THR D 214 6.22 -32.61 15.34
N ILE D 215 6.43 -33.93 15.14
CA ILE D 215 5.91 -34.67 13.99
C ILE D 215 4.74 -35.51 14.47
N ARG D 216 3.81 -35.78 13.56
CA ARG D 216 2.66 -36.60 13.90
C ARG D 216 2.36 -37.58 12.77
N LEU D 217 2.30 -38.87 13.12
CA LEU D 217 1.90 -39.93 12.20
C LEU D 217 0.42 -40.24 12.43
N TRP D 218 -0.37 -40.16 11.36
CA TRP D 218 -1.82 -40.23 11.44
C TRP D 218 -2.34 -41.50 10.80
N ASP D 219 -3.58 -41.85 11.18
CA ASP D 219 -4.34 -42.90 10.55
C ASP D 219 -5.31 -42.10 9.74
N LEU D 220 -5.34 -42.29 8.44
CA LEU D 220 -6.07 -41.37 7.58
C LEU D 220 -7.58 -41.57 7.67
N VAL D 221 -8.06 -42.79 7.38
CA VAL D 221 -9.50 -43.01 7.38
C VAL D 221 -10.08 -42.78 8.77
N ALA D 222 -9.28 -43.04 9.82
CA ALA D 222 -9.75 -42.82 11.19
C ALA D 222 -9.59 -41.37 11.63
N GLY D 223 -8.61 -40.66 11.07
CA GLY D 223 -8.46 -39.23 11.35
C GLY D 223 -7.78 -38.88 12.64
N LYS D 224 -7.08 -39.82 13.27
CA LYS D 224 -6.41 -39.61 14.54
C LYS D 224 -4.92 -39.87 14.39
N THR D 225 -4.14 -39.32 15.32
CA THR D 225 -2.69 -39.50 15.30
C THR D 225 -2.30 -40.80 15.98
N ARG D 226 -1.50 -41.61 15.27
CA ARG D 226 -0.95 -42.83 15.87
C ARG D 226 0.29 -42.52 16.70
N VAL D 227 1.24 -41.78 16.13
CA VAL D 227 2.53 -41.49 16.77
C VAL D 227 2.76 -39.99 16.73
N THR D 228 3.32 -39.46 17.83
CA THR D 228 3.83 -38.09 17.87
C THR D 228 5.32 -38.13 18.20
N LEU D 229 6.14 -37.57 17.31
CA LEU D 229 7.60 -37.58 17.49
C LEU D 229 8.03 -36.23 18.04
N THR D 230 8.75 -36.25 19.17
CA THR D 230 9.02 -35.06 19.97
C THR D 230 10.49 -34.66 19.99
N ASN D 231 11.33 -35.30 19.17
CA ASN D 231 12.77 -35.14 19.35
C ASN D 231 13.28 -33.76 18.92
N HIS D 232 12.64 -33.13 17.95
CA HIS D 232 13.11 -31.83 17.51
C HIS D 232 12.93 -30.80 18.61
N LYS D 233 13.91 -29.90 18.73
CA LYS D 233 13.84 -28.83 19.71
C LYS D 233 13.29 -27.53 19.13
N LYS D 234 13.40 -27.34 17.82
CA LYS D 234 12.93 -26.16 17.13
C LYS D 234 11.83 -26.55 16.14
N SER D 235 11.29 -25.55 15.45
CA SER D 235 10.12 -25.79 14.62
C SER D 235 10.48 -26.65 13.42
N VAL D 236 9.63 -27.63 13.14
CA VAL D 236 9.76 -28.46 11.95
C VAL D 236 8.94 -27.83 10.83
N ARG D 237 9.56 -27.67 9.67
CA ARG D 237 8.89 -27.00 8.56
C ARG D 237 9.00 -27.77 7.26
N ALA D 238 9.58 -28.97 7.28
CA ALA D 238 9.75 -29.80 6.10
C ALA D 238 9.81 -31.25 6.52
N VAL D 239 9.18 -32.11 5.73
CA VAL D 239 9.33 -33.55 5.85
C VAL D 239 9.46 -34.11 4.44
N VAL D 240 10.31 -35.11 4.28
CA VAL D 240 10.53 -35.76 3.00
C VAL D 240 10.38 -37.26 3.18
N LEU D 241 9.64 -37.89 2.28
CA LEU D 241 9.48 -39.34 2.29
C LEU D 241 10.43 -39.95 1.29
N HIS D 242 11.06 -41.05 1.68
CA HIS D 242 11.94 -41.78 0.79
C HIS D 242 11.10 -42.56 -0.23
N PRO D 243 11.45 -42.52 -1.53
CA PRO D 243 10.65 -43.23 -2.55
C PRO D 243 10.45 -44.69 -2.24
N ARG D 244 11.28 -45.26 -1.36
CA ARG D 244 11.22 -46.67 -1.00
C ARG D 244 10.29 -46.93 0.19
N HIS D 245 9.51 -45.92 0.61
CA HIS D 245 8.53 -46.00 1.68
C HIS D 245 9.04 -46.74 2.91
N TYR D 246 10.33 -46.69 3.17
CA TYR D 246 10.90 -47.40 4.31
C TYR D 246 11.29 -46.46 5.43
N THR D 247 11.82 -45.29 5.09
CA THR D 247 12.22 -44.30 6.06
C THR D 247 11.83 -42.92 5.54
N PHE D 248 11.98 -41.91 6.39
CA PHE D 248 11.68 -40.54 6.01
C PHE D 248 12.54 -39.61 6.86
N ALA D 249 12.40 -38.31 6.61
CA ALA D 249 13.23 -37.33 7.31
C ALA D 249 12.40 -36.10 7.64
N SER D 250 12.83 -35.40 8.70
CA SER D 250 12.23 -34.14 9.13
C SER D 250 13.33 -33.10 9.31
N GLY D 251 13.04 -31.86 8.92
CA GLY D 251 14.00 -30.77 8.96
C GLY D 251 13.62 -29.72 9.98
N SER D 252 14.61 -29.23 10.72
CA SER D 252 14.45 -28.13 11.65
C SER D 252 15.81 -27.47 11.81
N PRO D 253 15.88 -26.28 12.42
CA PRO D 253 17.18 -25.59 12.51
C PRO D 253 18.22 -26.34 13.33
N ASP D 254 17.82 -27.21 14.25
CA ASP D 254 18.81 -27.92 15.06
C ASP D 254 19.35 -29.15 14.35
N ASN D 255 18.50 -29.86 13.62
CA ASN D 255 18.93 -31.12 13.01
C ASN D 255 17.94 -31.53 11.94
N ILE D 256 18.44 -32.30 10.97
CA ILE D 256 17.62 -33.10 10.10
C ILE D 256 17.66 -34.52 10.65
N LYS D 257 16.52 -35.01 11.12
CA LYS D 257 16.44 -36.31 11.75
C LYS D 257 15.78 -37.32 10.80
N GLN D 258 16.29 -38.54 10.81
CA GLN D 258 15.79 -39.61 9.97
C GLN D 258 15.06 -40.63 10.85
N TRP D 259 13.92 -41.11 10.35
CA TRP D 259 13.07 -42.03 11.11
C TRP D 259 12.69 -43.22 10.25
N LYS D 260 12.39 -44.34 10.92
CA LYS D 260 12.02 -45.58 10.27
C LYS D 260 10.51 -45.80 10.39
N PHE D 261 9.84 -45.96 9.26
CA PHE D 261 8.44 -46.31 9.26
C PHE D 261 8.28 -47.78 9.65
N PRO D 262 7.16 -48.12 10.33
CA PRO D 262 6.21 -47.17 10.91
C PRO D 262 6.60 -46.77 12.33
N ASP D 263 5.72 -46.02 13.01
CA ASP D 263 5.91 -45.69 14.42
C ASP D 263 7.05 -44.69 14.62
N GLY D 264 7.76 -44.37 13.55
CA GLY D 264 8.76 -43.32 13.57
C GLY D 264 9.93 -43.56 14.48
N SER D 265 10.78 -44.54 14.14
CA SER D 265 11.93 -44.90 14.95
C SER D 265 13.14 -44.07 14.50
N PHE D 266 13.75 -43.36 15.44
CA PHE D 266 14.88 -42.49 15.14
C PHE D 266 16.09 -43.29 14.65
N ILE D 267 16.67 -42.85 13.54
CA ILE D 267 17.86 -43.49 12.97
C ILE D 267 19.10 -42.66 13.25
N GLN D 268 19.11 -41.41 12.76
CA GLN D 268 20.33 -40.60 12.82
C GLN D 268 19.98 -39.13 12.62
N ASN D 269 20.80 -38.27 13.22
CA ASN D 269 20.73 -36.84 12.98
C ASN D 269 21.64 -36.50 11.80
N LEU D 270 21.11 -35.72 10.87
CA LEU D 270 21.93 -35.08 9.85
C LEU D 270 22.21 -33.68 10.37
N SER D 271 23.35 -33.50 11.02
CA SER D 271 23.72 -32.22 11.61
C SER D 271 24.57 -31.41 10.63
N GLY D 272 24.57 -30.09 10.83
CA GLY D 272 25.46 -29.25 10.06
C GLY D 272 24.79 -28.10 9.33
N HIS D 273 23.51 -28.27 8.96
CA HIS D 273 22.75 -27.21 8.30
C HIS D 273 22.06 -26.40 9.38
N ASN D 274 22.84 -25.50 9.99
CA ASN D 274 22.36 -24.68 11.11
C ASN D 274 21.67 -23.44 10.54
N ALA D 275 20.46 -23.65 10.07
CA ALA D 275 19.65 -22.57 9.49
C ALA D 275 18.20 -23.02 9.50
N ILE D 276 17.31 -22.12 9.04
CA ILE D 276 15.88 -22.42 8.95
C ILE D 276 15.67 -23.26 7.70
N ILE D 277 15.52 -24.57 7.86
CA ILE D 277 15.25 -25.44 6.72
C ILE D 277 13.81 -25.24 6.29
N ASN D 278 13.60 -24.81 5.05
CA ASN D 278 12.26 -24.63 4.51
C ASN D 278 11.79 -25.79 3.65
N THR D 279 12.71 -26.56 3.06
CA THR D 279 12.31 -27.55 2.08
C THR D 279 13.25 -28.75 2.15
N LEU D 280 12.68 -29.95 1.94
CA LEU D 280 13.41 -31.20 1.94
C LEU D 280 12.92 -32.04 0.78
N THR D 281 13.84 -32.56 -0.03
CA THR D 281 13.47 -33.59 -0.99
C THR D 281 14.67 -34.45 -1.32
N VAL D 282 14.39 -35.63 -1.89
CA VAL D 282 15.40 -36.62 -2.22
C VAL D 282 15.02 -37.28 -3.54
N ASN D 283 16.03 -37.74 -4.27
CA ASN D 283 15.79 -38.48 -5.51
C ASN D 283 16.12 -39.96 -5.30
N SER D 284 15.89 -40.75 -6.36
CA SER D 284 16.02 -42.19 -6.25
C SER D 284 17.46 -42.63 -6.02
N ASP D 285 18.44 -41.85 -6.49
CA ASP D 285 19.83 -42.20 -6.26
C ASP D 285 20.27 -42.01 -4.82
N GLY D 286 19.43 -41.39 -3.99
CA GLY D 286 19.75 -41.15 -2.61
C GLY D 286 20.30 -39.77 -2.29
N VAL D 287 20.26 -38.84 -3.24
CA VAL D 287 20.76 -37.48 -3.00
C VAL D 287 19.65 -36.68 -2.32
N LEU D 288 19.87 -36.34 -1.05
CA LEU D 288 18.92 -35.54 -0.27
C LEU D 288 19.39 -34.11 -0.24
N VAL D 289 18.46 -33.17 -0.46
CA VAL D 289 18.75 -31.75 -0.50
C VAL D 289 17.92 -31.06 0.57
N SER D 290 18.53 -30.11 1.27
CA SER D 290 17.82 -29.29 2.24
C SER D 290 18.07 -27.83 1.89
N GLY D 291 17.00 -27.07 1.72
CA GLY D 291 17.08 -25.65 1.41
C GLY D 291 16.68 -24.84 2.63
N ALA D 292 17.41 -23.77 2.88
CA ALA D 292 17.22 -22.97 4.06
C ALA D 292 16.75 -21.56 3.70
N ASP D 293 16.37 -20.81 4.74
CA ASP D 293 15.84 -19.47 4.59
C ASP D 293 16.91 -18.43 4.26
N ASN D 294 18.17 -18.72 4.56
CA ASN D 294 19.28 -17.86 4.18
C ASN D 294 19.80 -18.18 2.79
N GLY D 295 19.12 -19.05 2.04
CA GLY D 295 19.58 -19.41 0.72
C GLY D 295 20.69 -20.43 0.67
N THR D 296 21.10 -21.00 1.80
CA THR D 296 22.06 -22.07 1.80
C THR D 296 21.39 -23.39 1.46
N MET D 297 22.12 -24.25 0.79
CA MET D 297 21.62 -25.56 0.38
C MET D 297 22.68 -26.61 0.74
N HIS D 298 22.24 -27.65 1.44
CA HIS D 298 23.10 -28.77 1.80
C HIS D 298 22.63 -30.00 1.06
N LEU D 299 23.55 -30.68 0.38
CA LEU D 299 23.27 -31.91 -0.34
C LEU D 299 23.88 -33.07 0.41
N TRP D 300 23.08 -34.13 0.63
CA TRP D 300 23.44 -35.23 1.50
C TRP D 300 23.22 -36.56 0.79
N ASP D 301 23.98 -37.57 1.21
CA ASP D 301 23.71 -38.96 0.89
C ASP D 301 22.73 -39.52 1.92
N TRP D 302 21.64 -40.10 1.45
CA TRP D 302 20.56 -40.50 2.36
C TRP D 302 21.02 -41.54 3.38
N ARG D 303 21.66 -42.61 2.91
CA ARG D 303 21.93 -43.75 3.78
C ARG D 303 22.97 -43.41 4.85
N THR D 304 24.17 -42.99 4.43
CA THR D 304 25.20 -42.63 5.40
C THR D 304 24.87 -41.32 6.10
N GLY D 305 24.20 -40.40 5.39
CA GLY D 305 23.95 -39.10 5.95
C GLY D 305 25.06 -38.11 5.76
N TYR D 306 26.03 -38.39 4.89
CA TYR D 306 27.17 -37.51 4.74
C TYR D 306 26.78 -36.29 3.89
N ASN D 307 27.17 -35.12 4.38
CA ASN D 307 26.90 -33.86 3.67
C ASN D 307 27.99 -33.66 2.63
N PHE D 308 27.72 -34.04 1.38
CA PHE D 308 28.77 -34.09 0.36
C PHE D 308 28.90 -32.80 -0.45
N GLN D 309 27.99 -31.85 -0.30
CA GLN D 309 28.08 -30.59 -1.05
C GLN D 309 27.33 -29.51 -0.28
N ARG D 310 27.81 -28.28 -0.43
CA ARG D 310 27.17 -27.12 0.19
C ARG D 310 27.17 -25.98 -0.83
N VAL D 311 25.97 -25.59 -1.26
CA VAL D 311 25.78 -24.48 -2.19
C VAL D 311 25.46 -23.22 -1.38
N HIS D 312 26.06 -22.10 -1.76
CA HIS D 312 25.89 -20.84 -1.05
C HIS D 312 24.88 -19.95 -1.78
N ALA D 313 24.44 -18.90 -1.08
CA ALA D 313 23.43 -18.00 -1.60
C ALA D 313 24.04 -16.91 -2.47
N SER D 322 18.30 -8.97 2.69
CA SER D 322 17.18 -9.58 3.40
C SER D 322 16.48 -10.66 2.57
N GLU D 323 15.84 -10.23 1.47
CA GLU D 323 15.08 -11.15 0.62
C GLU D 323 16.03 -11.98 -0.22
N SER D 324 16.56 -13.03 0.41
CA SER D 324 17.33 -14.08 -0.25
C SER D 324 16.99 -15.37 0.48
N GLY D 325 16.85 -16.45 -0.25
CA GLY D 325 16.51 -17.70 0.38
C GLY D 325 15.86 -18.67 -0.58
N ILE D 326 15.60 -19.87 -0.06
CA ILE D 326 15.00 -20.96 -0.81
C ILE D 326 13.79 -21.46 -0.04
N PHE D 327 12.62 -21.45 -0.70
CA PHE D 327 11.37 -21.84 -0.08
C PHE D 327 10.91 -23.24 -0.47
N ALA D 328 11.21 -23.68 -1.69
CA ALA D 328 10.74 -24.96 -2.17
C ALA D 328 11.82 -25.65 -2.98
N CYS D 329 11.79 -26.98 -2.99
CA CYS D 329 12.74 -27.82 -3.71
C CYS D 329 12.01 -28.94 -4.41
N ALA D 330 12.42 -29.25 -5.64
CA ALA D 330 11.78 -30.33 -6.39
C ALA D 330 12.75 -30.89 -7.42
N PHE D 331 12.84 -32.22 -7.47
CA PHE D 331 13.50 -32.87 -8.59
C PHE D 331 12.51 -33.02 -9.76
N ASP D 332 13.07 -33.11 -10.96
CA ASP D 332 12.26 -33.48 -12.09
C ASP D 332 12.12 -35.00 -12.13
N GLN D 333 11.22 -35.48 -12.99
CA GLN D 333 10.95 -36.91 -13.02
C GLN D 333 12.20 -37.71 -13.36
N SER D 334 13.05 -37.16 -14.21
CA SER D 334 14.31 -37.84 -14.53
C SER D 334 15.27 -37.82 -13.35
N GLU D 335 15.09 -36.88 -12.41
CA GLU D 335 15.95 -36.68 -11.25
C GLU D 335 17.36 -36.25 -11.63
N SER D 336 17.54 -35.71 -12.84
CA SER D 336 18.78 -35.07 -13.24
C SER D 336 18.72 -33.56 -13.09
N ARG D 337 17.56 -33.00 -12.79
CA ARG D 337 17.38 -31.56 -12.63
CA ARG D 337 17.39 -31.56 -12.62
C ARG D 337 16.88 -31.26 -11.22
N LEU D 338 17.46 -30.23 -10.60
CA LEU D 338 17.02 -29.76 -9.28
C LEU D 338 16.55 -28.32 -9.45
N LEU D 339 15.29 -28.09 -9.12
CA LEU D 339 14.69 -26.76 -9.22
C LEU D 339 14.42 -26.22 -7.82
N THR D 340 14.74 -24.95 -7.61
CA THR D 340 14.52 -24.30 -6.34
C THR D 340 13.68 -23.05 -6.52
N ALA D 341 12.82 -22.78 -5.55
CA ALA D 341 11.99 -21.59 -5.53
C ALA D 341 12.57 -20.63 -4.51
N GLU D 342 13.04 -19.48 -4.98
CA GLU D 342 13.86 -18.59 -4.18
C GLU D 342 13.13 -17.27 -3.90
N ALA D 343 13.59 -16.59 -2.84
CA ALA D 343 13.03 -15.30 -2.46
C ALA D 343 13.45 -14.16 -3.37
N ASP D 344 14.39 -14.37 -4.27
CA ASP D 344 14.77 -13.35 -5.23
C ASP D 344 13.86 -13.31 -6.44
N LYS D 345 12.69 -13.95 -6.34
CA LYS D 345 11.66 -13.98 -7.37
C LYS D 345 12.07 -14.79 -8.61
N THR D 346 13.04 -15.69 -8.47
CA THR D 346 13.51 -16.49 -9.60
C THR D 346 13.46 -17.97 -9.24
N ILE D 347 13.64 -18.81 -10.26
CA ILE D 347 13.77 -20.25 -10.08
C ILE D 347 15.16 -20.66 -10.57
N LYS D 348 15.85 -21.44 -9.74
CA LYS D 348 17.19 -21.92 -10.06
C LYS D 348 17.14 -23.37 -10.49
N VAL D 349 17.87 -23.71 -11.54
CA VAL D 349 17.93 -25.06 -12.07
C VAL D 349 19.35 -25.57 -11.90
N TYR D 350 19.49 -26.69 -11.20
CA TYR D 350 20.79 -27.32 -11.00
C TYR D 350 20.85 -28.63 -11.76
N ARG D 351 22.00 -28.87 -12.39
CA ARG D 351 22.28 -30.13 -13.06
C ARG D 351 23.53 -30.75 -12.46
N GLU D 352 23.63 -32.07 -12.56
CA GLU D 352 24.85 -32.75 -12.13
C GLU D 352 25.96 -32.45 -13.13
N ASP D 353 27.11 -32.03 -12.61
CA ASP D 353 28.25 -31.66 -13.46
C ASP D 353 29.38 -32.66 -13.32
#